data_3I3R
#
_entry.id   3I3R
#
_cell.length_a   52.540
_cell.length_b   83.480
_cell.length_c   84.190
_cell.angle_alpha   119.00
_cell.angle_beta   97.99
_cell.angle_gamma   100.69
#
_symmetry.space_group_name_H-M   'P 1'
#
loop_
_entity.id
_entity.type
_entity.pdbx_description
1 polymer 'Dihydrofolate reductase/thymidylate synthase'
2 non-polymer 'CHLORIDE ION'
3 water water
#
_entity_poly.entity_id   1
_entity_poly.type   'polypeptide(L)'
_entity_poly.pdbx_seq_one_letter_code
;MSNSYEGCGDLTIFVAVALNKVIGHKNQIPWPHITHDFRFLRNGTTYIPPEVLSKNPDIQNVVIFGRKTYESIPKASLPL
KNRINVILSRTVKEVPGCLVYEDLSTAIRDLRANVPHNKIFILGGSFLYKEVLDNGLCDKIYLTRLNKEYPGDTYFPDIP
DTFEITAISPTFSTDFVSYDFVIYERKDCKTVFPDPPFDQLLMTGTDISVPKPKYVACPGVRIRNHEEFQYLDILADVLS
HGVLKPNRTGTDAYSKFGYQMRFDLSRSFPLLTTKKVALRSIIEELLWFIKGSTNGNDLLAKNVRIWELNGRRDFLDKNG
FTDREEHDLGPIYGFQWRHFGAEYLDMHADYTGKGIDQLAEIINRIKTNPNDRRLIVCSWNVSDLKKMALPPCHCFFQFY
VSDNKLSCMMHQRSCDLGLGVPFNIASYSILTAMVAQVCGLGLGEFVHNLADAHIYVDHVDAVTTQIARIPHPFPRLRLN
PDIRNIEDFTIDDIVVEDYVSHPPIPMAMSA
;
_entity_poly.pdbx_strand_id   A,B
#
# COMPACT_ATOMS: atom_id res chain seq x y z
N TYR A 5 -32.73 31.88 21.16
CA TYR A 5 -31.51 31.04 20.98
C TYR A 5 -30.34 31.82 20.40
N GLU A 6 -30.40 33.15 20.47
CA GLU A 6 -29.28 33.97 20.03
C GLU A 6 -28.05 33.56 20.84
N GLY A 7 -26.97 33.22 20.12
CA GLY A 7 -25.70 32.83 20.75
C GLY A 7 -25.62 31.40 21.28
N CYS A 8 -26.48 30.52 20.80
CA CYS A 8 -26.56 29.13 21.30
C CYS A 8 -26.24 28.07 20.22
N GLY A 9 -25.53 28.48 19.17
CA GLY A 9 -25.10 27.56 18.11
C GLY A 9 -23.81 26.82 18.43
N ASP A 10 -23.33 26.05 17.44
CA ASP A 10 -22.24 25.07 17.56
C ASP A 10 -22.16 24.32 18.89
N LEU A 11 -23.23 23.61 19.21
CA LEU A 11 -23.21 22.57 20.24
C LEU A 11 -22.81 21.27 19.54
N THR A 12 -22.04 20.42 20.23
CA THR A 12 -21.54 19.18 19.66
C THR A 12 -22.12 17.98 20.40
N ILE A 13 -22.80 17.11 19.65
CA ILE A 13 -23.43 15.94 20.25
C ILE A 13 -22.46 14.75 20.26
N PHE A 14 -22.54 13.95 21.32
CA PHE A 14 -21.99 12.59 21.33
C PHE A 14 -23.15 11.69 21.67
N VAL A 15 -23.28 10.56 20.98
CA VAL A 15 -24.38 9.62 21.23
C VAL A 15 -24.05 8.23 20.67
N ALA A 16 -24.66 7.21 21.27
CA ALA A 16 -24.52 5.81 20.85
C ALA A 16 -25.91 5.29 20.49
N VAL A 17 -26.05 4.71 19.29
CA VAL A 17 -27.36 4.47 18.71
C VAL A 17 -27.48 3.09 18.07
N ALA A 18 -28.57 2.39 18.44
CA ALA A 18 -28.83 1.05 17.92
C ALA A 18 -29.39 1.16 16.50
N LEU A 19 -29.44 0.05 15.80
CA LEU A 19 -29.87 0.04 14.40
C LEU A 19 -31.32 0.55 14.24
N ASN A 20 -32.15 0.32 15.26
CA ASN A 20 -33.53 0.82 15.28
C ASN A 20 -33.66 2.20 15.93
N LYS A 21 -32.54 2.85 16.18
CA LYS A 21 -32.47 4.25 16.64
C LYS A 21 -32.71 4.42 18.14
N VAL A 22 -32.71 3.32 18.89
CA VAL A 22 -32.87 3.36 20.33
C VAL A 22 -31.57 3.78 21.03
N ILE A 23 -31.67 4.78 21.90
CA ILE A 23 -30.55 5.17 22.76
C ILE A 23 -30.79 4.86 24.23
N GLY A 24 -32.02 4.47 24.59
CA GLY A 24 -32.33 4.18 26.00
C GLY A 24 -33.44 3.18 26.23
N HIS A 25 -33.41 2.54 27.39
CA HIS A 25 -34.40 1.55 27.78
C HIS A 25 -34.51 1.57 29.30
N LYS A 26 -35.63 2.07 29.82
CA LYS A 26 -35.87 2.15 31.27
C LYS A 26 -34.75 2.92 31.96
N ASN A 27 -34.38 4.08 31.41
CA ASN A 27 -33.25 4.87 31.92
C ASN A 27 -31.91 4.13 32.00
N GLN A 28 -31.82 3.01 31.30
CA GLN A 28 -30.59 2.25 31.22
C GLN A 28 -30.13 2.20 29.77
N ILE A 29 -28.83 1.98 29.57
CA ILE A 29 -28.26 1.64 28.28
C ILE A 29 -28.87 0.32 27.80
N PRO A 30 -29.44 0.28 26.57
CA PRO A 30 -30.17 -0.92 26.14
C PRO A 30 -29.29 -2.14 25.92
N TRP A 31 -28.04 -1.88 25.57
CA TRP A 31 -27.10 -2.94 25.26
C TRP A 31 -26.12 -3.14 26.42
N PRO A 32 -25.51 -4.34 26.47
CA PRO A 32 -24.35 -4.55 27.33
C PRO A 32 -23.26 -3.55 27.03
N HIS A 33 -22.58 -3.09 28.06
CA HIS A 33 -21.67 -1.97 27.97
C HIS A 33 -20.51 -2.20 26.98
N ILE A 34 -20.16 -1.13 26.28
CA ILE A 34 -19.01 -1.12 25.38
C ILE A 34 -18.03 -0.13 25.97
N THR A 35 -17.00 -0.65 26.64
CA THR A 35 -16.10 0.20 27.40
C THR A 35 -15.35 1.11 26.43
N HIS A 36 -15.05 0.56 25.25
CA HIS A 36 -14.45 1.31 24.16
C HIS A 36 -15.23 2.59 23.85
N ASP A 37 -16.55 2.48 23.83
CA ASP A 37 -17.40 3.63 23.59
C ASP A 37 -17.24 4.70 24.68
N PHE A 38 -17.09 4.30 25.95
CA PHE A 38 -16.90 5.28 27.04
C PHE A 38 -15.55 5.98 26.94
N ARG A 39 -14.51 5.22 26.59
CA ARG A 39 -13.15 5.78 26.42
C ARG A 39 -13.12 6.75 25.25
N PHE A 40 -13.86 6.40 24.21
CA PHE A 40 -14.00 7.27 23.06
C PHE A 40 -14.66 8.58 23.45
N LEU A 41 -15.82 8.46 24.10
CA LEU A 41 -16.57 9.63 24.56
C LEU A 41 -15.73 10.50 25.51
N ARG A 42 -15.05 9.86 26.45
CA ARG A 42 -14.10 10.53 27.37
C ARG A 42 -13.05 11.33 26.60
N ASN A 43 -12.35 10.67 25.69
CA ASN A 43 -11.29 11.33 24.93
C ASN A 43 -11.80 12.49 24.09
N GLY A 44 -13.00 12.33 23.53
CA GLY A 44 -13.60 13.39 22.72
C GLY A 44 -14.08 14.56 23.54
N THR A 45 -14.64 14.29 24.73
CA THR A 45 -15.23 15.35 25.54
C THR A 45 -14.21 16.03 26.45
N THR A 46 -13.08 15.38 26.69
CA THR A 46 -11.96 15.99 27.37
C THR A 46 -10.81 16.04 26.40
N TYR A 47 -10.83 17.03 25.52
CA TYR A 47 -9.67 17.35 24.71
C TYR A 47 -9.65 18.85 24.54
N ILE A 48 -8.52 19.46 24.90
CA ILE A 48 -8.34 20.89 24.81
C ILE A 48 -7.21 21.11 23.81
N PRO A 49 -7.41 21.98 22.81
CA PRO A 49 -6.33 22.27 21.86
C PRO A 49 -5.12 22.87 22.58
N PRO A 50 -3.90 22.40 22.24
CA PRO A 50 -2.67 22.86 22.93
C PRO A 50 -2.46 24.38 22.83
N GLU A 51 -2.97 24.99 21.76
CA GLU A 51 -3.06 26.43 21.63
C GLU A 51 -3.77 27.01 22.85
N VAL A 52 -5.01 26.56 23.07
CA VAL A 52 -5.83 27.06 24.16
C VAL A 52 -5.28 26.63 25.52
N LEU A 53 -4.73 25.41 25.58
CA LEU A 53 -4.27 24.86 26.85
C LEU A 53 -3.12 25.65 27.45
N SER A 54 -2.18 26.09 26.61
CA SER A 54 -1.02 26.84 27.11
C SER A 54 -1.41 28.25 27.57
N LYS A 55 -2.37 28.87 26.88
CA LYS A 55 -2.84 30.21 27.26
C LYS A 55 -3.90 30.18 28.38
N ASN A 56 -4.39 28.98 28.71
CA ASN A 56 -5.31 28.78 29.84
C ASN A 56 -5.14 27.34 30.34
N PRO A 57 -4.20 27.13 31.28
CA PRO A 57 -3.79 25.80 31.74
C PRO A 57 -4.89 24.93 32.37
N ASP A 58 -5.83 25.53 33.09
CA ASP A 58 -6.86 24.79 33.83
C ASP A 58 -8.21 24.71 33.12
N ILE A 59 -8.27 25.14 31.86
CA ILE A 59 -9.56 25.24 31.14
C ILE A 59 -10.12 23.86 30.81
N GLN A 60 -11.43 23.74 30.92
CA GLN A 60 -12.11 22.47 30.68
C GLN A 60 -13.24 22.62 29.67
N ASN A 61 -13.69 21.48 29.13
CA ASN A 61 -14.88 21.43 28.30
C ASN A 61 -16.13 21.30 29.15
N VAL A 62 -17.27 21.65 28.55
CA VAL A 62 -18.55 21.57 29.23
C VAL A 62 -19.33 20.37 28.71
N VAL A 63 -20.03 19.69 29.60
CA VAL A 63 -20.85 18.55 29.24
C VAL A 63 -22.25 18.69 29.83
N ILE A 64 -23.26 18.69 28.97
CA ILE A 64 -24.65 18.94 29.37
C ILE A 64 -25.53 17.68 29.26
N PHE A 65 -26.36 17.45 30.27
CA PHE A 65 -27.41 16.42 30.20
C PHE A 65 -28.70 16.87 30.90
N GLY A 66 -29.79 16.19 30.60
CA GLY A 66 -31.02 16.31 31.38
C GLY A 66 -30.89 15.45 32.63
N ARG A 67 -31.81 15.63 33.58
CA ARG A 67 -31.76 14.88 34.84
C ARG A 67 -31.75 13.38 34.62
N LYS A 68 -32.54 12.91 33.66
CA LYS A 68 -32.74 11.48 33.43
C LYS A 68 -31.41 10.69 33.32
N THR A 69 -30.50 11.16 32.47
CA THR A 69 -29.25 10.45 32.16
C THR A 69 -28.40 10.15 33.41
N TYR A 70 -28.40 8.87 33.81
CA TYR A 70 -27.93 8.44 35.15
C TYR A 70 -26.65 7.58 35.13
N GLU A 71 -25.52 8.20 35.45
CA GLU A 71 -24.21 7.55 35.36
C GLU A 71 -24.02 6.38 36.33
N PRO A 79 -19.38 12.70 39.19
CA PRO A 79 -19.36 13.65 38.09
C PRO A 79 -18.29 13.31 37.04
N LEU A 80 -18.64 13.43 35.76
CA LEU A 80 -17.72 13.12 34.67
C LEU A 80 -16.44 13.95 34.84
N LYS A 81 -15.35 13.28 35.22
CA LYS A 81 -14.14 13.97 35.67
C LYS A 81 -13.50 14.79 34.57
N ASN A 82 -12.80 15.85 34.96
CA ASN A 82 -12.06 16.74 34.06
C ASN A 82 -12.95 17.61 33.15
N ARG A 83 -14.24 17.69 33.45
CA ARG A 83 -15.17 18.52 32.68
C ARG A 83 -16.15 19.24 33.59
N ILE A 84 -16.58 20.42 33.17
CA ILE A 84 -17.67 21.11 33.84
C ILE A 84 -18.98 20.38 33.52
N ASN A 85 -19.55 19.71 34.51
CA ASN A 85 -20.81 18.98 34.34
C ASN A 85 -22.01 19.90 34.51
N VAL A 86 -22.80 20.05 33.45
CA VAL A 86 -23.99 20.89 33.48
C VAL A 86 -25.22 20.01 33.40
N ILE A 87 -26.26 20.36 34.14
CA ILE A 87 -27.40 19.48 34.30
C ILE A 87 -28.72 20.28 34.20
N LEU A 88 -29.52 19.98 33.17
CA LEU A 88 -30.76 20.71 32.91
C LEU A 88 -31.91 20.04 33.62
N SER A 89 -32.66 20.83 34.41
CA SER A 89 -33.82 20.33 35.16
C SER A 89 -34.73 21.49 35.59
N ARG A 90 -36.02 21.19 35.73
CA ARG A 90 -36.97 22.12 36.34
C ARG A 90 -37.41 21.63 37.71
N THR A 91 -36.78 20.55 38.19
CA THR A 91 -37.20 19.92 39.43
C THR A 91 -36.03 19.62 40.39
N VAL A 92 -34.91 20.31 40.23
CA VAL A 92 -33.79 20.21 41.17
C VAL A 92 -32.86 21.41 40.98
N LYS A 93 -32.71 22.22 42.02
CA LYS A 93 -32.00 23.50 41.90
C LYS A 93 -30.49 23.41 42.18
N GLU A 94 -30.02 22.29 42.73
CA GLU A 94 -28.58 22.09 42.97
C GLU A 94 -28.22 20.61 42.90
N VAL A 95 -27.01 20.30 42.44
CA VAL A 95 -26.53 18.91 42.32
C VAL A 95 -25.05 18.79 42.71
N PRO A 96 -24.69 17.70 43.42
CA PRO A 96 -23.34 17.55 43.98
C PRO A 96 -22.18 17.83 43.00
N GLY A 97 -21.75 19.08 42.94
CA GLY A 97 -20.61 19.48 42.11
C GLY A 97 -20.92 19.72 40.64
N CYS A 98 -22.13 20.20 40.35
CA CYS A 98 -22.55 20.52 39.00
C CYS A 98 -23.20 21.90 38.94
N LEU A 99 -23.31 22.43 37.73
CA LEU A 99 -24.16 23.58 37.45
C LEU A 99 -25.54 23.06 37.05
N VAL A 100 -26.58 23.76 37.49
CA VAL A 100 -27.96 23.35 37.18
C VAL A 100 -28.72 24.52 36.55
N TYR A 101 -29.60 24.21 35.61
CA TYR A 101 -30.36 25.25 34.90
C TYR A 101 -31.77 24.79 34.57
N GLU A 102 -32.69 25.74 34.49
CA GLU A 102 -34.08 25.48 34.12
C GLU A 102 -34.15 24.94 32.70
N ASP A 103 -33.52 25.66 31.76
CA ASP A 103 -33.57 25.29 30.34
C ASP A 103 -32.23 25.49 29.60
N LEU A 104 -32.16 24.95 28.38
CA LEU A 104 -30.93 24.94 27.59
C LEU A 104 -30.51 26.34 27.22
N SER A 105 -31.48 27.09 26.72
CA SER A 105 -31.29 28.48 26.28
C SER A 105 -30.43 29.29 27.27
N THR A 106 -30.82 29.26 28.54
CA THR A 106 -30.14 30.05 29.57
C THR A 106 -28.77 29.44 29.91
N ALA A 107 -28.75 28.11 30.06
CA ALA A 107 -27.51 27.37 30.28
C ALA A 107 -26.37 27.88 29.41
N ILE A 108 -26.58 27.88 28.09
CA ILE A 108 -25.52 28.26 27.14
C ILE A 108 -25.13 29.72 27.32
N ARG A 109 -26.12 30.60 27.25
CA ARG A 109 -25.93 32.04 27.48
C ARG A 109 -25.10 32.31 28.74
N ASP A 110 -25.47 31.68 29.86
CA ASP A 110 -24.71 31.85 31.10
C ASP A 110 -23.30 31.28 30.96
N LEU A 111 -23.19 30.03 30.49
CA LEU A 111 -21.89 29.35 30.38
C LEU A 111 -20.88 30.14 29.56
N ARG A 112 -21.33 30.73 28.46
CA ARG A 112 -20.43 31.48 27.59
C ARG A 112 -20.17 32.89 28.09
N ALA A 113 -21.15 33.47 28.79
CA ALA A 113 -20.99 34.80 29.35
C ALA A 113 -20.13 34.80 30.63
N ASN A 114 -20.32 33.79 31.49
CA ASN A 114 -19.81 33.82 32.87
C ASN A 114 -18.96 32.63 33.36
N VAL A 115 -18.84 31.57 32.57
CA VAL A 115 -18.10 30.37 33.01
C VAL A 115 -17.01 30.03 32.00
N PRO A 116 -15.75 30.41 32.27
CA PRO A 116 -14.72 30.17 31.25
C PRO A 116 -14.61 28.69 30.89
N HIS A 117 -14.78 28.39 29.60
CA HIS A 117 -14.70 27.01 29.12
C HIS A 117 -14.15 26.96 27.70
N ASN A 118 -13.82 25.75 27.25
CA ASN A 118 -13.35 25.55 25.89
C ASN A 118 -14.54 25.27 24.95
N LYS A 119 -15.16 24.11 25.12
CA LYS A 119 -16.17 23.64 24.17
C LYS A 119 -17.33 22.94 24.88
N ILE A 120 -18.55 23.18 24.41
CA ILE A 120 -19.75 22.61 25.03
C ILE A 120 -20.25 21.38 24.27
N PHE A 121 -20.41 20.28 24.99
CA PHE A 121 -20.91 19.03 24.42
C PHE A 121 -22.25 18.68 25.02
N ILE A 122 -23.13 18.13 24.19
CA ILE A 122 -24.46 17.67 24.58
C ILE A 122 -24.44 16.15 24.63
N LEU A 123 -24.60 15.60 25.84
CA LEU A 123 -24.54 14.15 26.07
C LEU A 123 -25.92 13.53 26.31
N GLY A 124 -26.98 14.23 25.96
CA GLY A 124 -28.27 13.56 25.82
C GLY A 124 -29.40 13.75 26.79
N GLY A 125 -30.29 12.75 26.73
CA GLY A 125 -31.72 12.94 26.78
C GLY A 125 -32.19 13.17 25.35
N SER A 126 -33.15 12.36 24.90
CA SER A 126 -33.78 12.54 23.58
C SER A 126 -34.30 13.95 23.35
N PHE A 127 -34.92 14.53 24.38
CA PHE A 127 -35.56 15.85 24.27
C PHE A 127 -34.54 16.95 24.13
N LEU A 128 -33.39 16.74 24.76
CA LEU A 128 -32.28 17.67 24.64
C LEU A 128 -31.65 17.58 23.25
N TYR A 129 -31.44 16.36 22.77
CA TYR A 129 -30.94 16.14 21.40
C TYR A 129 -31.93 16.74 20.40
N LYS A 130 -33.22 16.51 20.67
CA LYS A 130 -34.31 17.00 19.81
C LYS A 130 -34.28 18.52 19.73
N GLU A 131 -34.23 19.17 20.88
CA GLU A 131 -34.19 20.62 20.94
C GLU A 131 -32.98 21.18 20.19
N VAL A 132 -31.83 20.56 20.39
CA VAL A 132 -30.59 21.02 19.75
C VAL A 132 -30.66 20.90 18.22
N LEU A 133 -31.19 19.77 17.75
CA LEU A 133 -31.29 19.54 16.32
C LEU A 133 -32.37 20.40 15.68
N ASP A 134 -33.58 20.36 16.24
CA ASP A 134 -34.70 21.15 15.72
C ASP A 134 -34.37 22.63 15.49
N ASN A 135 -33.65 23.23 16.43
CA ASN A 135 -33.31 24.65 16.32
C ASN A 135 -31.98 24.96 15.62
N GLY A 136 -31.30 23.93 15.08
CA GLY A 136 -30.05 24.12 14.34
C GLY A 136 -28.90 24.60 15.19
N LEU A 137 -28.80 24.11 16.42
CA LEU A 137 -27.77 24.54 17.36
C LEU A 137 -26.49 23.71 17.27
N CYS A 138 -26.55 22.60 16.54
CA CYS A 138 -25.47 21.62 16.51
C CYS A 138 -24.81 21.66 15.15
N ASP A 139 -23.48 21.67 15.12
CA ASP A 139 -22.70 21.68 13.86
C ASP A 139 -22.02 20.32 13.61
N LYS A 140 -22.10 19.41 14.58
CA LYS A 140 -21.24 18.25 14.61
C LYS A 140 -21.81 17.19 15.53
N ILE A 141 -21.90 15.96 15.03
CA ILE A 141 -22.38 14.82 15.82
C ILE A 141 -21.33 13.73 15.78
N TYR A 142 -20.92 13.27 16.96
CA TYR A 142 -20.04 12.10 17.11
C TYR A 142 -20.93 10.93 17.50
N LEU A 143 -21.13 9.99 16.58
CA LEU A 143 -22.15 8.96 16.75
C LEU A 143 -21.51 7.59 16.65
N THR A 144 -21.75 6.76 17.67
CA THR A 144 -21.32 5.38 17.67
C THR A 144 -22.46 4.60 17.06
N ARG A 145 -22.22 3.95 15.93
CA ARG A 145 -23.26 3.17 15.24
C ARG A 145 -23.19 1.72 15.68
N LEU A 146 -24.30 1.18 16.17
CA LEU A 146 -24.41 -0.22 16.55
C LEU A 146 -25.21 -0.97 15.51
N ASN A 147 -24.71 -2.12 15.08
CA ASN A 147 -25.35 -2.88 14.00
C ASN A 147 -26.44 -3.84 14.42
N LYS A 148 -27.01 -3.58 15.59
CA LYS A 148 -28.02 -4.45 16.16
C LYS A 148 -29.17 -3.59 16.66
N GLU A 149 -30.38 -4.09 16.46
CA GLU A 149 -31.56 -3.50 17.07
C GLU A 149 -31.59 -3.96 18.50
N TYR A 150 -31.97 -3.05 19.40
CA TYR A 150 -32.18 -3.39 20.81
C TYR A 150 -33.54 -2.86 21.28
N PRO A 151 -34.21 -3.60 22.18
CA PRO A 151 -35.46 -3.08 22.76
C PRO A 151 -35.20 -1.77 23.50
N GLY A 152 -36.17 -0.87 23.49
CA GLY A 152 -35.99 0.43 24.14
C GLY A 152 -37.17 1.35 24.04
N ASP A 153 -37.07 2.47 24.73
CA ASP A 153 -38.16 3.46 24.79
C ASP A 153 -37.71 4.90 24.58
N THR A 154 -36.41 5.10 24.36
CA THR A 154 -35.84 6.43 24.12
C THR A 154 -35.06 6.30 22.83
N TYR A 155 -35.36 7.18 21.86
CA TYR A 155 -34.81 7.13 20.51
C TYR A 155 -34.03 8.40 20.22
N PHE A 156 -33.01 8.30 19.37
CA PHE A 156 -32.30 9.48 18.90
C PHE A 156 -33.07 10.02 17.72
N PRO A 157 -33.32 11.34 17.68
CA PRO A 157 -34.09 11.84 16.53
C PRO A 157 -33.39 11.57 15.21
N ASP A 158 -34.17 11.51 14.13
CA ASP A 158 -33.62 11.48 12.78
C ASP A 158 -32.66 12.66 12.59
N ILE A 159 -31.57 12.43 11.87
CA ILE A 159 -30.58 13.47 11.62
C ILE A 159 -31.01 14.19 10.35
N PRO A 160 -31.10 15.53 10.42
CA PRO A 160 -31.55 16.28 9.25
C PRO A 160 -30.70 16.09 8.00
N ASP A 161 -31.35 16.13 6.83
CA ASP A 161 -30.68 16.07 5.52
C ASP A 161 -29.62 17.15 5.37
N THR A 162 -29.59 18.09 6.30
CA THR A 162 -28.61 19.16 6.31
C THR A 162 -27.20 18.70 6.76
N PHE A 163 -27.12 17.52 7.37
CA PHE A 163 -25.85 16.91 7.80
C PHE A 163 -25.42 15.80 6.83
N GLU A 164 -24.11 15.58 6.70
CA GLU A 164 -23.54 14.39 6.06
C GLU A 164 -22.41 13.81 6.91
N ILE A 165 -22.15 12.53 6.76
CA ILE A 165 -21.01 11.88 7.41
C ILE A 165 -19.68 12.33 6.79
N THR A 166 -18.79 12.87 7.61
CA THR A 166 -17.45 13.30 7.16
C THR A 166 -16.30 12.43 7.71
N ALA A 167 -16.56 11.57 8.69
CA ALA A 167 -15.52 10.69 9.25
C ALA A 167 -16.09 9.32 9.58
N ILE A 168 -15.33 8.27 9.28
CA ILE A 168 -15.70 6.89 9.64
C ILE A 168 -14.49 6.13 10.18
N SER A 169 -14.63 5.61 11.40
CA SER A 169 -13.61 4.82 12.03
C SER A 169 -13.52 3.41 11.44
N PRO A 170 -12.54 2.61 11.90
CA PRO A 170 -12.59 1.18 11.58
C PRO A 170 -13.77 0.56 12.27
N THR A 171 -14.18 -0.61 11.80
CA THR A 171 -15.22 -1.35 12.46
C THR A 171 -14.59 -2.11 13.62
N PHE A 172 -15.27 -2.06 14.76
CA PHE A 172 -14.83 -2.76 15.94
C PHE A 172 -15.93 -3.70 16.31
N SER A 173 -15.63 -4.64 17.18
CA SER A 173 -16.65 -5.54 17.66
C SER A 173 -16.40 -5.99 19.08
N THR A 174 -17.49 -6.32 19.76
CA THR A 174 -17.41 -7.07 21.00
C THR A 174 -17.97 -8.44 20.72
N ASP A 175 -18.04 -9.21 21.79
CA ASP A 175 -18.66 -10.52 21.83
C ASP A 175 -20.13 -10.52 21.37
N PHE A 176 -20.80 -9.36 21.43
CA PHE A 176 -22.25 -9.27 21.22
C PHE A 176 -22.74 -8.23 20.18
N VAL A 177 -21.84 -7.40 19.65
CA VAL A 177 -22.21 -6.48 18.56
C VAL A 177 -21.01 -5.94 17.80
N SER A 178 -21.24 -5.57 16.53
CA SER A 178 -20.25 -4.78 15.81
C SER A 178 -20.73 -3.35 15.74
N TYR A 179 -19.77 -2.44 15.68
CA TYR A 179 -20.03 -1.02 15.79
C TYR A 179 -18.85 -0.24 15.24
N ASP A 180 -19.10 1.02 14.89
CA ASP A 180 -18.02 1.93 14.57
C ASP A 180 -18.40 3.31 15.05
N PHE A 181 -17.50 4.27 14.81
CA PHE A 181 -17.70 5.67 15.17
C PHE A 181 -17.72 6.52 13.92
N VAL A 182 -18.65 7.46 13.85
CA VAL A 182 -18.70 8.36 12.70
C VAL A 182 -18.86 9.78 13.18
N ILE A 183 -18.50 10.71 12.32
CA ILE A 183 -18.80 12.11 12.56
C ILE A 183 -19.72 12.60 11.45
N TYR A 184 -20.85 13.20 11.83
CA TYR A 184 -21.70 13.95 10.92
C TYR A 184 -21.37 15.44 11.09
N GLU A 185 -21.35 16.17 9.98
CA GLU A 185 -21.19 17.64 10.01
C GLU A 185 -22.22 18.29 9.09
N ARG A 186 -22.57 19.54 9.40
CA ARG A 186 -23.48 20.33 8.56
C ARG A 186 -22.86 20.74 7.23
N LYS A 187 -23.55 20.39 6.14
CA LYS A 187 -23.33 20.90 4.76
C LYS A 187 -23.24 19.73 3.79
N PRO A 196 -3.29 22.85 -0.81
CA PRO A 196 -2.12 22.00 -0.98
C PRO A 196 -0.87 22.82 -1.36
N PRO A 197 0.18 22.79 -0.51
CA PRO A 197 1.38 23.61 -0.71
C PRO A 197 2.09 23.35 -2.03
N PHE A 198 2.64 24.41 -2.63
CA PHE A 198 3.18 24.34 -3.99
C PHE A 198 4.36 23.36 -4.13
N ASP A 199 5.16 23.24 -3.07
CA ASP A 199 6.30 22.32 -3.09
C ASP A 199 5.86 20.86 -3.22
N GLN A 200 4.73 20.50 -2.62
CA GLN A 200 4.17 19.14 -2.80
C GLN A 200 3.85 18.83 -4.25
N LEU A 201 3.44 19.83 -5.02
CA LEU A 201 3.11 19.64 -6.45
C LEU A 201 4.36 19.67 -7.34
N LEU A 202 5.23 20.66 -7.10
CA LEU A 202 6.48 20.81 -7.87
C LEU A 202 7.38 19.58 -7.75
N MET A 203 7.52 19.09 -6.53
CA MET A 203 8.45 18.00 -6.25
C MET A 203 7.96 16.60 -6.64
N THR A 204 6.83 16.49 -7.33
CA THR A 204 6.48 15.25 -8.02
C THR A 204 7.30 15.08 -9.30
N GLY A 205 7.89 16.18 -9.79
CA GLY A 205 8.57 16.19 -11.08
C GLY A 205 7.64 16.19 -12.30
N THR A 206 6.34 16.04 -12.08
CA THR A 206 5.34 15.91 -13.17
C THR A 206 4.41 17.12 -13.12
N ASP A 207 3.35 17.13 -13.94
CA ASP A 207 2.48 18.31 -14.09
C ASP A 207 2.04 18.92 -12.76
N ILE A 208 2.08 20.26 -12.70
CA ILE A 208 1.82 21.03 -11.49
C ILE A 208 0.34 21.22 -11.17
N SER A 209 -0.54 20.93 -12.14
CA SER A 209 -1.99 21.06 -11.95
C SER A 209 -2.69 19.75 -12.27
N LYS A 212 -8.04 16.39 -11.73
CA LYS A 212 -8.84 15.75 -10.70
C LYS A 212 -9.34 14.41 -11.24
N PRO A 213 -9.15 13.32 -10.48
CA PRO A 213 -9.56 11.99 -10.95
C PRO A 213 -11.05 11.99 -11.28
N LYS A 214 -11.44 11.26 -12.31
CA LYS A 214 -12.80 11.30 -12.80
C LYS A 214 -13.80 10.72 -11.79
N TYR A 215 -13.34 9.74 -11.00
CA TYR A 215 -14.18 9.10 -9.99
C TYR A 215 -13.56 9.19 -8.62
N VAL A 216 -14.36 9.62 -7.65
CA VAL A 216 -13.97 9.55 -6.24
C VAL A 216 -15.07 8.86 -5.46
N ALA A 217 -14.69 7.89 -4.66
CA ALA A 217 -15.62 7.18 -3.78
C ALA A 217 -15.96 8.04 -2.55
N CYS A 218 -17.25 8.17 -2.24
CA CYS A 218 -17.73 8.90 -1.06
C CYS A 218 -16.97 10.21 -0.77
N PRO A 219 -16.99 11.17 -1.72
CA PRO A 219 -16.15 12.38 -1.62
C PRO A 219 -16.38 13.27 -0.40
N GLY A 220 -17.56 13.19 0.21
CA GLY A 220 -17.82 13.89 1.45
C GLY A 220 -17.11 13.31 2.67
N VAL A 221 -16.70 12.06 2.63
CA VAL A 221 -16.01 11.47 3.77
C VAL A 221 -14.51 11.78 3.68
N ARG A 222 -14.01 12.62 4.59
CA ARG A 222 -12.62 13.06 4.56
C ARG A 222 -11.70 12.19 5.42
N ILE A 223 -12.18 11.72 6.56
CA ILE A 223 -11.42 10.76 7.38
C ILE A 223 -11.96 9.38 7.08
N ARG A 224 -11.11 8.51 6.56
CA ARG A 224 -11.56 7.34 5.84
C ARG A 224 -10.97 6.04 6.37
N ASN A 225 -11.33 5.68 7.60
CA ASN A 225 -10.69 4.52 8.27
C ASN A 225 -11.45 3.20 8.19
N HIS A 226 -12.66 3.22 7.62
CA HIS A 226 -13.39 1.98 7.35
C HIS A 226 -12.61 1.24 6.27
N GLU A 227 -12.33 -0.04 6.51
CA GLU A 227 -11.50 -0.84 5.63
C GLU A 227 -12.10 -1.00 4.25
N GLU A 228 -13.43 -0.88 4.14
CA GLU A 228 -14.10 -1.06 2.86
C GLU A 228 -13.64 0.00 1.88
N PHE A 229 -13.24 1.16 2.41
CA PHE A 229 -12.68 2.23 1.57
C PHE A 229 -11.48 1.77 0.71
N GLN A 230 -10.77 0.72 1.15
CA GLN A 230 -9.69 0.19 0.36
C GLN A 230 -10.26 -0.25 -0.97
N TYR A 231 -11.27 -1.11 -0.90
CA TYR A 231 -11.96 -1.60 -2.07
C TYR A 231 -12.67 -0.47 -2.87
N LEU A 232 -13.39 0.44 -2.20
CA LEU A 232 -14.00 1.57 -2.91
C LEU A 232 -12.98 2.49 -3.62
N ASP A 233 -11.83 2.75 -3.00
CA ASP A 233 -10.78 3.55 -3.63
C ASP A 233 -10.18 2.84 -4.84
N ILE A 234 -10.01 1.54 -4.76
CA ILE A 234 -9.55 0.79 -5.91
C ILE A 234 -10.56 0.82 -7.07
N LEU A 235 -11.85 0.68 -6.78
CA LEU A 235 -12.88 0.83 -7.85
C LEU A 235 -12.76 2.19 -8.56
N ALA A 236 -12.69 3.28 -7.78
CA ALA A 236 -12.51 4.63 -8.34
C ALA A 236 -11.20 4.76 -9.14
N ASP A 237 -10.13 4.18 -8.64
CA ASP A 237 -8.82 4.25 -9.30
C ASP A 237 -8.84 3.57 -10.67
N VAL A 238 -9.43 2.39 -10.71
CA VAL A 238 -9.50 1.64 -11.95
C VAL A 238 -10.42 2.36 -12.95
N LEU A 239 -11.53 2.91 -12.49
CA LEU A 239 -12.41 3.69 -13.38
C LEU A 239 -11.73 4.98 -13.86
N SER A 240 -11.03 5.66 -12.96
CA SER A 240 -10.37 6.90 -13.30
C SER A 240 -9.20 6.69 -14.26
N HIS A 241 -8.36 5.69 -14.02
CA HIS A 241 -7.07 5.55 -14.70
C HIS A 241 -6.80 4.22 -15.37
N GLY A 242 -7.71 3.26 -15.20
CA GLY A 242 -7.52 1.95 -15.80
C GLY A 242 -7.54 2.01 -17.32
N VAL A 243 -6.89 1.04 -17.94
CA VAL A 243 -6.80 0.96 -19.40
C VAL A 243 -7.84 -0.03 -19.87
N LEU A 244 -8.70 0.39 -20.78
CA LEU A 244 -9.68 -0.51 -21.41
C LEU A 244 -8.94 -1.48 -22.30
N LYS A 245 -9.13 -2.78 -22.07
CA LYS A 245 -8.42 -3.84 -22.80
C LYS A 245 -9.36 -5.01 -23.07
N PRO A 246 -9.16 -5.70 -24.21
CA PRO A 246 -9.94 -6.91 -24.40
C PRO A 246 -9.42 -8.08 -23.55
N ASN A 247 -10.19 -9.15 -23.49
CA ASN A 247 -9.80 -10.33 -22.75
C ASN A 247 -10.55 -11.54 -23.30
N ARG A 248 -10.34 -12.70 -22.71
CA ARG A 248 -10.92 -13.93 -23.24
C ARG A 248 -12.46 -14.06 -23.13
N THR A 249 -13.12 -13.14 -22.43
CA THR A 249 -14.59 -13.20 -22.30
C THR A 249 -15.39 -12.51 -23.42
N GLY A 250 -14.73 -11.69 -24.25
CA GLY A 250 -15.44 -10.88 -25.24
C GLY A 250 -15.92 -9.54 -24.68
N THR A 251 -16.23 -9.49 -23.38
CA THR A 251 -16.53 -8.23 -22.71
C THR A 251 -15.24 -7.59 -22.22
N ASP A 252 -14.98 -6.38 -22.69
CA ASP A 252 -13.77 -5.67 -22.32
C ASP A 252 -13.83 -5.17 -20.88
N ALA A 253 -12.68 -4.75 -20.36
CA ALA A 253 -12.58 -4.31 -18.99
C ALA A 253 -11.53 -3.22 -18.82
N TYR A 254 -11.82 -2.29 -17.92
CA TYR A 254 -10.87 -1.29 -17.46
C TYR A 254 -9.93 -1.95 -16.47
N SER A 255 -8.64 -1.85 -16.75
CA SER A 255 -7.67 -2.70 -16.08
C SER A 255 -6.49 -1.93 -15.53
N LYS A 256 -6.08 -2.31 -14.34
CA LYS A 256 -4.89 -1.74 -13.71
C LYS A 256 -4.23 -2.77 -12.80
N PHE A 257 -2.93 -2.62 -12.61
CA PHE A 257 -2.08 -3.70 -12.13
C PHE A 257 -1.49 -3.37 -10.78
N GLY A 258 -1.68 -4.26 -9.82
CA GLY A 258 -0.97 -4.16 -8.53
C GLY A 258 -1.63 -3.29 -7.47
N TYR A 259 -2.39 -3.93 -6.58
CA TYR A 259 -2.86 -3.32 -5.34
C TYR A 259 -2.65 -4.28 -4.18
N GLN A 260 -2.80 -3.75 -2.96
CA GLN A 260 -2.77 -4.54 -1.73
C GLN A 260 -3.76 -3.99 -0.72
N MET A 261 -4.66 -4.85 -0.25
CA MET A 261 -5.64 -4.50 0.77
C MET A 261 -5.36 -5.36 1.98
N ARG A 262 -5.70 -4.87 3.17
CA ARG A 262 -5.57 -5.66 4.38
C ARG A 262 -6.75 -5.43 5.33
N PHE A 263 -7.14 -6.51 5.99
CA PHE A 263 -8.34 -6.55 6.82
C PHE A 263 -8.01 -7.16 8.17
N ASP A 264 -8.34 -6.44 9.23
CA ASP A 264 -8.09 -6.90 10.60
C ASP A 264 -9.23 -7.82 11.05
N LEU A 265 -8.97 -9.11 11.03
CA LEU A 265 -9.99 -10.08 11.27
C LEU A 265 -10.26 -10.31 12.75
N SER A 266 -9.54 -9.62 13.63
CA SER A 266 -9.89 -9.66 15.05
C SER A 266 -11.00 -8.64 15.38
N ARG A 267 -11.06 -7.56 14.62
CA ARG A 267 -12.03 -6.47 14.88
C ARG A 267 -13.35 -6.65 14.14
N SER A 268 -13.30 -7.23 12.95
CA SER A 268 -14.50 -7.44 12.16
C SER A 268 -14.32 -8.41 11.03
N PHE A 269 -15.45 -8.79 10.43
CA PHE A 269 -15.48 -9.62 9.25
C PHE A 269 -15.76 -8.72 8.05
N PRO A 270 -14.85 -8.69 7.05
CA PRO A 270 -15.03 -7.74 5.95
C PRO A 270 -15.99 -8.21 4.86
N LEU A 271 -17.26 -8.35 5.20
CA LEU A 271 -18.30 -8.57 4.18
C LEU A 271 -18.76 -7.18 3.76
N LEU A 272 -18.53 -6.84 2.50
CA LEU A 272 -18.78 -5.50 1.98
C LEU A 272 -20.20 -5.04 2.30
N THR A 273 -20.32 -3.77 2.71
CA THR A 273 -21.60 -3.20 3.12
C THR A 273 -22.25 -2.34 2.03
N THR A 274 -21.47 -1.90 1.04
CA THR A 274 -21.98 -1.01 0.00
C THR A 274 -22.87 -1.72 -1.02
N LYS A 275 -22.93 -3.03 -0.94
CA LYS A 275 -23.96 -3.81 -1.64
C LYS A 275 -24.20 -5.10 -0.86
N LYS A 276 -25.37 -5.71 -1.02
CA LYS A 276 -25.64 -6.97 -0.34
C LYS A 276 -24.94 -8.15 -1.01
N VAL A 277 -23.99 -8.75 -0.28
CA VAL A 277 -23.21 -9.85 -0.83
C VAL A 277 -23.82 -11.18 -0.39
N ALA A 278 -23.91 -12.12 -1.32
CA ALA A 278 -24.50 -13.43 -1.08
C ALA A 278 -23.56 -14.32 -0.28
N LEU A 279 -23.59 -14.17 1.04
CA LEU A 279 -22.69 -14.90 1.93
C LEU A 279 -22.81 -16.41 1.75
N ARG A 280 -24.05 -16.90 1.70
CA ARG A 280 -24.31 -18.34 1.62
C ARG A 280 -23.54 -19.00 0.49
N SER A 281 -23.49 -18.35 -0.67
CA SER A 281 -22.80 -18.91 -1.83
C SER A 281 -21.28 -18.95 -1.63
N ILE A 282 -20.76 -17.99 -0.85
CA ILE A 282 -19.32 -17.95 -0.53
C ILE A 282 -18.96 -19.13 0.38
N ILE A 283 -19.83 -19.43 1.33
CA ILE A 283 -19.53 -20.43 2.34
C ILE A 283 -19.57 -21.79 1.69
N GLU A 284 -20.64 -22.05 0.94
CA GLU A 284 -20.78 -23.33 0.26
C GLU A 284 -19.60 -23.56 -0.68
N GLU A 285 -19.16 -22.52 -1.38
CA GLU A 285 -18.00 -22.68 -2.26
C GLU A 285 -16.74 -23.08 -1.48
N LEU A 286 -16.50 -22.41 -0.36
CA LEU A 286 -15.31 -22.72 0.48
C LEU A 286 -15.33 -24.18 0.98
N LEU A 287 -16.44 -24.59 1.57
CA LEU A 287 -16.61 -25.98 2.02
C LEU A 287 -16.41 -26.95 0.89
N TRP A 288 -16.82 -26.53 -0.31
CA TRP A 288 -16.65 -27.33 -1.50
C TRP A 288 -15.16 -27.45 -1.85
N PHE A 289 -14.40 -26.34 -1.76
CA PHE A 289 -12.94 -26.40 -1.97
C PHE A 289 -12.28 -27.31 -0.95
N ILE A 290 -12.62 -27.11 0.31
CA ILE A 290 -12.03 -27.88 1.43
C ILE A 290 -12.22 -29.41 1.26
N LYS A 291 -13.39 -29.83 0.79
CA LYS A 291 -13.68 -31.25 0.58
C LYS A 291 -12.93 -31.79 -0.63
N GLY A 292 -12.35 -30.87 -1.41
CA GLY A 292 -11.52 -31.22 -2.52
C GLY A 292 -12.34 -31.58 -3.73
N SER A 293 -13.59 -31.10 -3.77
CA SER A 293 -14.52 -31.52 -4.81
C SER A 293 -14.29 -30.75 -6.10
N THR A 294 -14.45 -31.44 -7.23
CA THR A 294 -14.43 -30.80 -8.54
C THR A 294 -15.74 -31.01 -9.32
N ASN A 295 -16.79 -31.42 -8.61
CA ASN A 295 -18.11 -31.64 -9.19
C ASN A 295 -18.99 -30.40 -8.97
N GLY A 296 -19.22 -29.66 -10.04
CA GLY A 296 -20.08 -28.47 -9.99
C GLY A 296 -21.52 -28.76 -9.61
N ASN A 297 -21.97 -30.00 -9.83
CA ASN A 297 -23.31 -30.43 -9.36
C ASN A 297 -23.46 -30.36 -7.83
N ASP A 298 -22.36 -30.54 -7.09
CA ASP A 298 -22.38 -30.45 -5.63
C ASP A 298 -22.78 -29.05 -5.18
N LEU A 299 -22.43 -28.06 -5.98
CA LEU A 299 -22.84 -26.68 -5.73
C LEU A 299 -24.25 -26.42 -6.24
N LEU A 300 -24.56 -26.91 -7.43
CA LEU A 300 -25.87 -26.70 -8.02
C LEU A 300 -26.93 -27.30 -7.13
N ALA A 301 -26.67 -28.52 -6.63
CA ALA A 301 -27.61 -29.19 -5.71
C ALA A 301 -27.96 -28.31 -4.50
N LYS A 302 -27.12 -27.31 -4.21
CA LYS A 302 -27.40 -26.37 -3.11
C LYS A 302 -27.77 -24.96 -3.61
N ASN A 303 -28.32 -24.90 -4.83
CA ASN A 303 -28.62 -23.65 -5.54
C ASN A 303 -27.55 -22.53 -5.38
N VAL A 304 -26.30 -22.94 -5.53
CA VAL A 304 -25.17 -22.03 -5.66
C VAL A 304 -24.71 -22.09 -7.11
N ARG A 305 -24.74 -20.96 -7.83
CA ARG A 305 -24.48 -20.96 -9.28
C ARG A 305 -23.18 -20.30 -9.75
N ILE A 306 -22.25 -20.07 -8.83
CA ILE A 306 -20.91 -19.50 -9.11
C ILE A 306 -20.23 -20.11 -10.34
N TRP A 307 -20.28 -21.44 -10.42
CA TRP A 307 -19.52 -22.19 -11.39
C TRP A 307 -20.33 -22.74 -12.55
N GLU A 308 -21.63 -22.45 -12.62
CA GLU A 308 -22.48 -23.13 -13.63
C GLU A 308 -22.08 -22.81 -15.08
N LEU A 309 -21.82 -21.55 -15.39
CA LEU A 309 -21.43 -21.18 -16.77
C LEU A 309 -20.18 -21.92 -17.25
N ASN A 310 -19.28 -22.20 -16.32
CA ASN A 310 -17.97 -22.75 -16.66
C ASN A 310 -17.90 -24.26 -16.59
N GLY A 311 -19.03 -24.90 -16.27
CA GLY A 311 -19.15 -26.35 -16.38
C GLY A 311 -20.11 -26.78 -17.46
N ARG A 312 -20.61 -25.81 -18.22
CA ARG A 312 -21.59 -26.06 -19.27
C ARG A 312 -20.99 -26.72 -20.51
N ARG A 313 -21.81 -27.53 -21.19
CA ARG A 313 -21.42 -28.24 -22.43
C ARG A 313 -20.74 -27.32 -23.44
N ASP A 314 -21.41 -26.23 -23.77
CA ASP A 314 -20.89 -25.28 -24.77
C ASP A 314 -19.50 -24.76 -24.40
N PHE A 315 -19.29 -24.44 -23.13
CA PHE A 315 -18.01 -23.90 -22.66
C PHE A 315 -16.89 -24.94 -22.60
N LEU A 316 -17.24 -26.14 -22.16
CA LEU A 316 -16.25 -27.23 -22.12
C LEU A 316 -15.78 -27.56 -23.55
N ASP A 317 -16.73 -27.75 -24.47
CA ASP A 317 -16.41 -28.06 -25.86
C ASP A 317 -15.57 -26.97 -26.52
N LYS A 318 -15.96 -25.71 -26.31
CA LYS A 318 -15.22 -24.57 -26.88
C LYS A 318 -13.77 -24.49 -26.39
N ASN A 319 -13.49 -25.07 -25.22
CA ASN A 319 -12.14 -25.09 -24.68
C ASN A 319 -11.51 -26.48 -24.75
N GLY A 320 -12.11 -27.36 -25.54
CA GLY A 320 -11.50 -28.65 -25.87
C GLY A 320 -11.86 -29.82 -24.98
N PHE A 321 -12.63 -29.57 -23.92
CA PHE A 321 -12.99 -30.60 -22.95
C PHE A 321 -14.23 -31.31 -23.45
N THR A 322 -14.05 -31.99 -24.56
CA THR A 322 -15.14 -32.47 -25.38
C THR A 322 -15.65 -33.81 -24.86
N ASP A 323 -14.75 -34.63 -24.32
CA ASP A 323 -15.11 -35.93 -23.71
C ASP A 323 -15.35 -35.82 -22.20
N ARG A 324 -15.40 -34.59 -21.67
CA ARG A 324 -15.61 -34.43 -20.23
C ARG A 324 -17.08 -34.24 -19.87
N GLU A 325 -17.45 -34.78 -18.70
CA GLU A 325 -18.84 -34.73 -18.25
C GLU A 325 -19.22 -33.29 -17.91
N GLU A 326 -20.50 -32.99 -18.05
CA GLU A 326 -20.98 -31.66 -17.79
C GLU A 326 -20.78 -31.32 -16.31
N HIS A 327 -20.27 -30.11 -16.05
CA HIS A 327 -19.91 -29.63 -14.71
C HIS A 327 -18.76 -30.38 -14.01
N ASP A 328 -17.99 -31.14 -14.76
CA ASP A 328 -16.68 -31.59 -14.32
C ASP A 328 -15.67 -30.49 -14.66
N LEU A 329 -15.19 -29.81 -13.62
CA LEU A 329 -14.39 -28.61 -13.78
C LEU A 329 -12.88 -28.88 -13.86
N GLY A 330 -12.49 -30.14 -13.90
CA GLY A 330 -11.07 -30.48 -13.98
C GLY A 330 -10.45 -30.32 -12.60
N PRO A 331 -9.10 -30.40 -12.51
CA PRO A 331 -8.40 -30.32 -11.24
C PRO A 331 -8.18 -28.89 -10.74
N ILE A 332 -9.29 -28.18 -10.54
CA ILE A 332 -9.25 -26.81 -10.02
C ILE A 332 -8.99 -26.83 -8.51
N TYR A 333 -9.07 -25.64 -7.92
CA TYR A 333 -8.80 -25.36 -6.51
C TYR A 333 -8.80 -26.56 -5.53
N GLY A 334 -9.97 -27.13 -5.30
CA GLY A 334 -10.14 -28.16 -4.29
C GLY A 334 -9.17 -29.28 -4.53
N PHE A 335 -9.12 -29.75 -5.77
CA PHE A 335 -8.25 -30.87 -6.10
C PHE A 335 -6.82 -30.52 -5.74
N GLN A 336 -6.40 -29.30 -6.07
CA GLN A 336 -5.02 -28.88 -5.79
C GLN A 336 -4.76 -28.77 -4.30
N TRP A 337 -5.74 -28.28 -3.53
CA TRP A 337 -5.55 -28.15 -2.08
C TRP A 337 -5.37 -29.52 -1.39
N ARG A 338 -5.97 -30.57 -1.94
CA ARG A 338 -5.99 -31.86 -1.26
C ARG A 338 -5.13 -32.93 -1.93
N HIS A 339 -5.02 -32.86 -3.26
CA HIS A 339 -4.37 -33.93 -4.02
C HIS A 339 -3.35 -33.41 -5.04
N PHE A 340 -2.65 -32.33 -4.72
CA PHE A 340 -1.71 -31.73 -5.68
C PHE A 340 -0.79 -32.81 -6.24
N GLY A 341 -0.67 -32.87 -7.58
CA GLY A 341 0.24 -33.83 -8.21
C GLY A 341 -0.38 -35.19 -8.54
N ALA A 342 -1.55 -35.49 -7.98
CA ALA A 342 -2.32 -36.65 -8.40
C ALA A 342 -2.69 -36.54 -9.86
N GLU A 343 -2.92 -37.67 -10.50
CA GLU A 343 -3.35 -37.64 -11.87
C GLU A 343 -4.86 -37.45 -11.86
N TYR A 344 -5.35 -36.41 -12.55
CA TYR A 344 -6.78 -36.20 -12.66
C TYR A 344 -7.34 -37.15 -13.71
N LEU A 345 -8.39 -37.89 -13.34
CA LEU A 345 -9.12 -38.73 -14.29
C LEU A 345 -10.47 -38.06 -14.58
N ASP A 346 -11.39 -38.14 -13.62
CA ASP A 346 -12.61 -37.33 -13.69
C ASP A 346 -13.12 -36.98 -12.28
N MET A 347 -14.21 -36.25 -12.21
CA MET A 347 -14.76 -35.76 -10.94
C MET A 347 -15.37 -36.85 -10.04
N HIS A 348 -15.57 -38.04 -10.59
CA HIS A 348 -16.08 -39.17 -9.80
C HIS A 348 -14.95 -40.02 -9.23
N ALA A 349 -13.75 -39.91 -9.80
CA ALA A 349 -12.63 -40.73 -9.36
C ALA A 349 -12.32 -40.51 -7.89
N ASP A 350 -11.96 -41.59 -7.19
CA ASP A 350 -11.51 -41.54 -5.79
C ASP A 350 -10.02 -41.19 -5.79
N TYR A 351 -9.65 -40.16 -5.03
CA TYR A 351 -8.24 -39.69 -5.00
C TYR A 351 -7.57 -39.83 -3.63
N THR A 352 -8.35 -40.15 -2.60
CA THR A 352 -7.82 -40.44 -1.26
C THR A 352 -6.41 -41.05 -1.27
N GLY A 353 -5.53 -40.48 -0.47
CA GLY A 353 -4.13 -40.92 -0.40
C GLY A 353 -3.23 -40.45 -1.51
N LYS A 354 -3.79 -40.04 -2.66
CA LYS A 354 -2.97 -39.62 -3.81
C LYS A 354 -2.68 -38.12 -3.79
N GLY A 355 -1.51 -37.76 -4.30
CA GLY A 355 -1.08 -36.38 -4.40
C GLY A 355 -0.68 -35.87 -3.05
N ILE A 356 -0.48 -34.57 -2.96
CA ILE A 356 -0.02 -33.94 -1.74
C ILE A 356 -1.14 -33.13 -1.12
N ASP A 357 -1.52 -33.50 0.10
CA ASP A 357 -2.57 -32.79 0.84
C ASP A 357 -2.03 -31.53 1.52
N GLN A 358 -1.92 -30.48 0.73
CA GLN A 358 -1.41 -29.19 1.16
C GLN A 358 -2.18 -28.60 2.32
N LEU A 359 -3.50 -28.73 2.32
CA LEU A 359 -4.30 -28.09 3.37
C LEU A 359 -4.02 -28.76 4.70
N ALA A 360 -4.01 -30.10 4.69
CA ALA A 360 -3.70 -30.88 5.88
C ALA A 360 -2.29 -30.56 6.39
N GLU A 361 -1.31 -30.59 5.49
CA GLU A 361 0.09 -30.40 5.89
C GLU A 361 0.37 -29.02 6.45
N ILE A 362 -0.15 -27.98 5.80
CA ILE A 362 0.08 -26.61 6.28
C ILE A 362 -0.62 -26.40 7.61
N ILE A 363 -1.83 -26.91 7.73
CA ILE A 363 -2.53 -26.86 9.01
C ILE A 363 -1.65 -27.52 10.06
N ASN A 364 -1.09 -28.68 9.74
CA ASN A 364 -0.15 -29.36 10.64
C ASN A 364 1.11 -28.56 10.93
N ARG A 365 1.71 -27.95 9.89
CA ARG A 365 2.90 -27.11 10.10
C ARG A 365 2.62 -25.94 11.05
N ILE A 366 1.44 -25.33 10.94
CA ILE A 366 1.12 -24.16 11.80
C ILE A 366 1.12 -24.55 13.28
N LYS A 367 0.54 -25.70 13.58
CA LYS A 367 0.50 -26.21 14.96
C LYS A 367 1.90 -26.55 15.48
N THR A 368 2.65 -27.27 14.65
CA THR A 368 3.96 -27.83 15.01
C THR A 368 5.05 -26.76 15.06
N ASN A 369 5.07 -25.88 14.05
CA ASN A 369 6.09 -24.84 13.94
C ASN A 369 5.51 -23.56 13.30
N PRO A 370 4.91 -22.69 14.11
CA PRO A 370 4.24 -21.51 13.57
C PRO A 370 5.19 -20.46 12.96
N ASN A 371 6.47 -20.58 13.28
CA ASN A 371 7.50 -19.67 12.81
C ASN A 371 8.17 -20.18 11.53
N ASP A 372 7.60 -21.24 10.96
CA ASP A 372 7.96 -21.74 9.64
C ASP A 372 7.59 -20.67 8.60
N ARG A 373 8.47 -20.44 7.64
CA ARG A 373 8.32 -19.35 6.66
C ARG A 373 7.89 -19.85 5.28
N ARG A 374 7.16 -20.98 5.28
CA ARG A 374 6.86 -21.78 4.10
C ARG A 374 5.45 -22.39 4.22
N LEU A 375 4.56 -21.65 4.85
CA LEU A 375 3.20 -22.08 5.04
C LEU A 375 2.37 -21.64 3.81
N ILE A 376 2.58 -22.36 2.71
CA ILE A 376 2.01 -22.02 1.42
C ILE A 376 1.14 -23.16 0.88
N VAL A 377 -0.06 -22.79 0.42
CA VAL A 377 -0.91 -23.63 -0.39
C VAL A 377 -0.94 -22.99 -1.78
N CYS A 378 -0.58 -23.76 -2.81
CA CYS A 378 -0.45 -23.22 -4.17
C CYS A 378 -1.35 -24.01 -5.09
N SER A 379 -2.32 -23.35 -5.70
CA SER A 379 -3.23 -24.00 -6.64
C SER A 379 -2.73 -23.89 -8.07
N TRP A 380 -1.62 -23.19 -8.28
CA TRP A 380 -1.11 -22.94 -9.61
C TRP A 380 -0.22 -24.10 -10.01
N ASN A 381 -0.86 -25.23 -10.30
CA ASN A 381 -0.14 -26.43 -10.70
C ASN A 381 0.07 -26.35 -12.20
N VAL A 382 1.29 -26.01 -12.59
CA VAL A 382 1.61 -25.73 -14.00
C VAL A 382 1.36 -26.94 -14.89
N SER A 383 1.57 -28.14 -14.35
CA SER A 383 1.34 -29.37 -15.12
C SER A 383 -0.14 -29.63 -15.37
N ASP A 384 -1.00 -29.09 -14.52
CA ASP A 384 -2.45 -29.34 -14.61
C ASP A 384 -3.25 -28.18 -15.22
N LEU A 385 -2.59 -27.05 -15.50
CA LEU A 385 -3.30 -25.89 -16.04
C LEU A 385 -4.23 -26.23 -17.23
N LYS A 386 -3.72 -27.04 -18.16
CA LYS A 386 -4.45 -27.39 -19.39
C LYS A 386 -5.68 -28.28 -19.17
N LYS A 387 -5.70 -29.03 -18.08
CA LYS A 387 -6.85 -29.88 -17.77
C LYS A 387 -7.96 -29.11 -17.05
N MET A 388 -7.72 -27.85 -16.73
CA MET A 388 -8.64 -27.09 -15.89
C MET A 388 -9.68 -26.37 -16.74
N ALA A 389 -10.90 -26.27 -16.20
CA ALA A 389 -11.95 -25.44 -16.77
C ALA A 389 -11.44 -23.99 -16.86
N LEU A 390 -11.03 -23.46 -15.71
CA LEU A 390 -10.33 -22.18 -15.63
C LEU A 390 -9.09 -22.39 -14.78
N PRO A 391 -7.95 -21.87 -15.21
CA PRO A 391 -6.85 -21.86 -14.27
C PRO A 391 -7.24 -20.98 -13.08
N PRO A 392 -6.67 -21.23 -11.90
CA PRO A 392 -7.19 -20.53 -10.75
C PRO A 392 -6.85 -19.04 -10.75
N CYS A 393 -7.77 -18.25 -10.17
CA CYS A 393 -7.63 -16.81 -10.05
C CYS A 393 -6.95 -16.48 -8.72
N HIS A 394 -7.42 -17.10 -7.63
CA HIS A 394 -6.70 -17.03 -6.37
C HIS A 394 -5.66 -18.15 -6.33
N CYS A 395 -4.44 -17.80 -6.73
CA CYS A 395 -3.40 -18.79 -7.09
C CYS A 395 -2.70 -19.50 -5.96
N PHE A 396 -2.60 -18.83 -4.84
CA PHE A 396 -1.47 -18.98 -3.97
C PHE A 396 -1.81 -18.19 -2.73
N PHE A 397 -1.79 -18.82 -1.56
CA PHE A 397 -1.87 -18.06 -0.32
C PHE A 397 -0.82 -18.52 0.68
N GLN A 398 -0.44 -17.60 1.57
CA GLN A 398 0.61 -17.84 2.54
C GLN A 398 0.12 -17.43 3.91
N PHE A 399 0.32 -18.31 4.90
CA PHE A 399 -0.06 -18.02 6.27
C PHE A 399 1.15 -17.55 7.08
N TYR A 400 0.86 -16.94 8.22
CA TYR A 400 1.85 -16.34 9.06
C TYR A 400 1.33 -16.23 10.47
N VAL A 401 2.22 -16.51 11.41
CA VAL A 401 1.91 -16.43 12.80
C VAL A 401 2.85 -15.49 13.50
N SER A 402 2.29 -14.66 14.38
CA SER A 402 3.09 -13.86 15.31
C SER A 402 2.17 -13.43 16.46
N ASP A 403 2.69 -13.47 17.68
CA ASP A 403 1.91 -13.04 18.84
C ASP A 403 0.65 -13.92 19.00
N ASN A 404 0.73 -15.17 18.58
CA ASN A 404 -0.39 -16.10 18.63
C ASN A 404 -1.58 -15.72 17.75
N LYS A 405 -1.33 -14.96 16.68
CA LYS A 405 -2.36 -14.52 15.73
C LYS A 405 -2.03 -15.01 14.33
N LEU A 406 -3.01 -15.59 13.65
CA LEU A 406 -2.83 -16.09 12.28
C LEU A 406 -3.19 -15.00 11.24
N SER A 407 -2.26 -14.77 10.32
CA SER A 407 -2.51 -13.91 9.18
C SER A 407 -2.40 -14.73 7.90
N CYS A 408 -2.96 -14.19 6.83
CA CYS A 408 -2.97 -14.86 5.55
C CYS A 408 -2.79 -13.81 4.46
N MET A 409 -1.99 -14.16 3.46
CA MET A 409 -1.80 -13.30 2.28
C MET A 409 -2.07 -14.15 1.08
N MET A 410 -2.91 -13.64 0.16
CA MET A 410 -3.33 -14.35 -1.04
C MET A 410 -3.01 -13.51 -2.27
N HIS A 411 -2.57 -14.20 -3.33
CA HIS A 411 -2.25 -13.57 -4.60
C HIS A 411 -3.35 -13.91 -5.60
N GLN A 412 -4.05 -12.89 -6.09
CA GLN A 412 -5.07 -13.06 -7.13
C GLN A 412 -4.58 -12.51 -8.46
N ARG A 413 -4.38 -13.37 -9.46
CA ARG A 413 -3.85 -12.97 -10.77
C ARG A 413 -4.81 -12.14 -11.59
N SER A 414 -6.09 -12.41 -11.41
CA SER A 414 -7.12 -11.81 -12.22
C SER A 414 -8.27 -11.47 -11.28
N CYS A 415 -8.59 -10.19 -11.17
CA CYS A 415 -9.50 -9.71 -10.14
C CYS A 415 -10.67 -8.94 -10.76
N ASP A 416 -11.82 -9.61 -10.76
CA ASP A 416 -13.10 -9.02 -11.16
C ASP A 416 -13.60 -8.13 -10.03
N LEU A 417 -13.26 -6.86 -10.07
CA LEU A 417 -13.54 -5.95 -8.97
C LEU A 417 -15.03 -5.86 -8.66
N GLY A 418 -15.85 -5.92 -9.70
CA GLY A 418 -17.29 -5.77 -9.52
C GLY A 418 -17.89 -6.94 -8.78
N LEU A 419 -17.54 -8.15 -9.24
CA LEU A 419 -18.27 -9.36 -8.88
C LEU A 419 -17.41 -10.34 -8.08
N GLY A 420 -16.19 -10.59 -8.51
CA GLY A 420 -15.36 -11.62 -7.88
C GLY A 420 -14.71 -11.21 -6.58
N VAL A 421 -14.12 -10.02 -6.53
CA VAL A 421 -13.26 -9.63 -5.43
C VAL A 421 -13.96 -9.63 -4.05
N PRO A 422 -15.19 -9.06 -3.96
CA PRO A 422 -15.94 -9.08 -2.71
C PRO A 422 -16.15 -10.49 -2.17
N PHE A 423 -16.33 -11.47 -3.07
CA PHE A 423 -16.45 -12.88 -2.67
C PHE A 423 -15.11 -13.38 -2.12
N ASN A 424 -14.03 -13.10 -2.84
CA ASN A 424 -12.67 -13.50 -2.43
C ASN A 424 -12.27 -13.01 -1.05
N ILE A 425 -12.57 -11.74 -0.76
CA ILE A 425 -12.20 -11.14 0.50
C ILE A 425 -12.88 -11.90 1.64
N ALA A 426 -14.17 -12.20 1.44
CA ALA A 426 -14.97 -12.90 2.44
C ALA A 426 -14.50 -14.33 2.59
N SER A 427 -14.25 -14.99 1.45
CA SER A 427 -13.89 -16.40 1.41
C SER A 427 -12.62 -16.68 2.20
N TYR A 428 -11.57 -15.93 1.90
CA TYR A 428 -10.29 -16.11 2.55
C TYR A 428 -10.29 -15.62 3.99
N SER A 429 -11.18 -14.69 4.31
CA SER A 429 -11.31 -14.26 5.70
C SER A 429 -11.96 -15.39 6.52
N ILE A 430 -12.93 -16.07 5.95
CA ILE A 430 -13.51 -17.23 6.61
C ILE A 430 -12.47 -18.32 6.77
N LEU A 431 -11.75 -18.64 5.70
CA LEU A 431 -10.73 -19.66 5.75
C LEU A 431 -9.70 -19.38 6.85
N THR A 432 -9.20 -18.15 6.91
CA THR A 432 -8.18 -17.82 7.90
C THR A 432 -8.73 -18.03 9.33
N ALA A 433 -9.98 -17.62 9.54
CA ALA A 433 -10.67 -17.84 10.81
C ALA A 433 -10.82 -19.34 11.13
N MET A 434 -11.17 -20.13 10.14
CA MET A 434 -11.32 -21.58 10.33
C MET A 434 -10.00 -22.21 10.76
N VAL A 435 -8.95 -21.91 10.01
CA VAL A 435 -7.62 -22.42 10.26
C VAL A 435 -7.10 -21.94 11.62
N ALA A 436 -7.41 -20.70 11.97
CA ALA A 436 -7.01 -20.14 13.26
C ALA A 436 -7.65 -20.95 14.38
N GLN A 437 -8.96 -21.14 14.29
CA GLN A 437 -9.67 -21.86 15.33
C GLN A 437 -9.08 -23.27 15.52
N VAL A 438 -8.83 -23.99 14.44
CA VAL A 438 -8.34 -25.36 14.57
C VAL A 438 -6.91 -25.44 15.11
N CYS A 439 -6.12 -24.39 14.91
CA CYS A 439 -4.72 -24.35 15.38
C CYS A 439 -4.59 -23.72 16.74
N GLY A 440 -5.71 -23.39 17.37
CA GLY A 440 -5.70 -22.71 18.63
C GLY A 440 -5.10 -21.31 18.57
N LEU A 441 -5.21 -20.64 17.43
CA LEU A 441 -4.68 -19.28 17.33
C LEU A 441 -5.77 -18.20 17.36
N GLY A 442 -5.38 -17.01 17.76
CA GLY A 442 -6.19 -15.82 17.54
C GLY A 442 -6.09 -15.34 16.10
N LEU A 443 -6.74 -14.21 15.84
CA LEU A 443 -6.91 -13.71 14.48
C LEU A 443 -6.04 -12.49 14.19
N GLY A 444 -5.29 -12.57 13.09
CA GLY A 444 -4.49 -11.46 12.60
C GLY A 444 -5.16 -10.77 11.42
N GLU A 445 -4.47 -10.70 10.28
CA GLU A 445 -4.96 -9.95 9.13
C GLU A 445 -5.15 -10.83 7.91
N PHE A 446 -6.13 -10.50 7.07
CA PHE A 446 -6.13 -11.04 5.71
C PHE A 446 -5.55 -9.97 4.80
N VAL A 447 -4.56 -10.36 4.00
CA VAL A 447 -3.87 -9.43 3.11
C VAL A 447 -4.09 -9.88 1.67
N HIS A 448 -4.72 -9.01 0.89
CA HIS A 448 -5.16 -9.35 -0.45
C HIS A 448 -4.29 -8.65 -1.49
N ASN A 449 -3.53 -9.41 -2.26
CA ASN A 449 -2.71 -8.82 -3.33
C ASN A 449 -3.43 -8.96 -4.65
N LEU A 450 -3.74 -7.85 -5.29
CA LEU A 450 -4.39 -7.88 -6.61
C LEU A 450 -3.36 -7.59 -7.70
N ALA A 451 -3.32 -8.47 -8.69
CA ALA A 451 -2.49 -8.26 -9.89
C ALA A 451 -3.34 -7.54 -10.94
N ASP A 452 -3.88 -8.27 -11.92
CA ASP A 452 -4.73 -7.67 -12.94
C ASP A 452 -6.12 -7.36 -12.38
N ALA A 453 -6.31 -6.14 -11.90
CA ALA A 453 -7.59 -5.74 -11.35
C ALA A 453 -8.40 -4.97 -12.40
N HIS A 454 -9.60 -5.47 -12.69
CA HIS A 454 -10.40 -4.91 -13.76
C HIS A 454 -11.88 -4.79 -13.45
N ILE A 455 -12.50 -3.82 -14.12
CA ILE A 455 -13.93 -3.59 -14.12
C ILE A 455 -14.44 -3.78 -15.53
N TYR A 456 -15.33 -4.75 -15.71
CA TYR A 456 -15.90 -5.01 -17.02
C TYR A 456 -16.78 -3.82 -17.41
N VAL A 457 -16.84 -3.53 -18.71
CA VAL A 457 -17.55 -2.36 -19.23
C VAL A 457 -19.01 -2.35 -18.81
N ASP A 458 -19.61 -3.54 -18.69
CA ASP A 458 -21.01 -3.64 -18.27
C ASP A 458 -21.25 -3.63 -16.76
N HIS A 459 -20.20 -3.41 -15.96
CA HIS A 459 -20.35 -3.14 -14.52
C HIS A 459 -20.13 -1.67 -14.18
N VAL A 460 -19.85 -0.83 -15.17
CA VAL A 460 -19.48 0.54 -14.90
C VAL A 460 -20.54 1.32 -14.11
N ASP A 461 -21.81 1.20 -14.48
CA ASP A 461 -22.87 1.96 -13.82
C ASP A 461 -23.07 1.46 -12.40
N ALA A 462 -23.15 0.13 -12.28
CA ALA A 462 -23.19 -0.56 -11.00
C ALA A 462 -22.16 -0.03 -10.01
N VAL A 463 -20.90 0.02 -10.44
CA VAL A 463 -19.81 0.42 -9.53
C VAL A 463 -19.87 1.93 -9.17
N THR A 464 -20.26 2.76 -10.14
CA THR A 464 -20.45 4.21 -9.92
C THR A 464 -21.54 4.47 -8.89
N THR A 465 -22.60 3.68 -8.97
CA THR A 465 -23.62 3.67 -7.94
C THR A 465 -22.98 3.27 -6.60
N GLN A 466 -22.28 2.15 -6.59
CA GLN A 466 -21.71 1.60 -5.35
C GLN A 466 -20.78 2.55 -4.60
N ILE A 467 -19.87 3.21 -5.32
CA ILE A 467 -18.83 4.03 -4.67
C ILE A 467 -19.35 5.34 -4.07
N ALA A 468 -20.57 5.74 -4.42
CA ALA A 468 -21.21 6.89 -3.78
C ALA A 468 -21.85 6.51 -2.42
N ARG A 469 -22.09 5.21 -2.19
CA ARG A 469 -22.74 4.74 -0.95
C ARG A 469 -21.81 4.70 0.28
N ILE A 470 -22.34 5.16 1.41
CA ILE A 470 -21.58 5.29 2.66
C ILE A 470 -21.58 3.94 3.36
N PRO A 471 -20.39 3.38 3.63
CA PRO A 471 -20.31 2.06 4.25
C PRO A 471 -20.96 1.98 5.63
N HIS A 472 -21.63 0.86 5.91
CA HIS A 472 -22.08 0.57 7.26
C HIS A 472 -20.92 -0.10 7.96
N PRO A 473 -20.97 -0.19 9.30
CA PRO A 473 -19.95 -0.96 9.98
C PRO A 473 -20.00 -2.38 9.47
N PHE A 474 -18.85 -3.01 9.30
CA PHE A 474 -18.78 -4.42 8.91
C PHE A 474 -19.46 -5.29 9.96
N PRO A 475 -19.89 -6.50 9.57
CA PRO A 475 -20.42 -7.48 10.51
C PRO A 475 -19.32 -8.20 11.32
N ARG A 476 -19.72 -9.18 12.14
CA ARG A 476 -18.82 -10.05 12.90
C ARG A 476 -18.94 -11.49 12.45
N LEU A 477 -17.87 -12.26 12.62
CA LEU A 477 -17.88 -13.68 12.30
C LEU A 477 -17.81 -14.52 13.58
N ARG A 478 -18.71 -15.50 13.67
CA ARG A 478 -18.77 -16.40 14.82
C ARG A 478 -18.70 -17.82 14.29
N LEU A 479 -17.63 -18.51 14.63
CA LEU A 479 -17.50 -19.90 14.29
C LEU A 479 -17.97 -20.74 15.48
N ASN A 480 -18.65 -21.84 15.19
CA ASN A 480 -18.93 -22.85 16.18
C ASN A 480 -17.63 -23.30 16.89
N PRO A 481 -17.45 -22.94 18.17
CA PRO A 481 -16.19 -23.25 18.87
C PRO A 481 -15.89 -24.76 19.08
N ASP A 482 -16.89 -25.62 18.95
CA ASP A 482 -16.70 -27.07 19.12
C ASP A 482 -15.96 -27.75 17.97
N ILE A 483 -15.95 -27.13 16.80
CA ILE A 483 -15.37 -27.74 15.61
C ILE A 483 -13.85 -27.68 15.73
N ARG A 484 -13.17 -28.82 15.58
CA ARG A 484 -11.71 -28.91 15.75
C ARG A 484 -10.92 -29.41 14.56
N ASN A 485 -11.59 -29.95 13.55
CA ASN A 485 -10.96 -30.34 12.29
C ASN A 485 -11.63 -29.54 11.17
N ILE A 486 -10.82 -29.00 10.27
CA ILE A 486 -11.33 -28.11 9.22
C ILE A 486 -12.35 -28.80 8.31
N GLU A 487 -12.29 -30.12 8.22
CA GLU A 487 -13.23 -30.89 7.41
C GLU A 487 -14.62 -31.03 8.06
N ASP A 488 -14.74 -30.69 9.34
CA ASP A 488 -16.01 -30.86 10.07
C ASP A 488 -16.89 -29.60 10.03
N PHE A 489 -16.34 -28.48 9.56
CA PHE A 489 -17.16 -27.29 9.37
C PHE A 489 -18.29 -27.54 8.37
N THR A 490 -19.49 -27.12 8.74
CA THR A 490 -20.65 -27.09 7.86
C THR A 490 -21.23 -25.67 7.90
N ILE A 491 -22.19 -25.38 7.06
CA ILE A 491 -22.69 -24.02 6.93
C ILE A 491 -23.26 -23.46 8.25
N ASP A 492 -23.96 -24.28 9.02
CA ASP A 492 -24.48 -23.87 10.31
C ASP A 492 -23.38 -23.48 11.29
N ASP A 493 -22.17 -23.98 11.08
CA ASP A 493 -21.05 -23.67 11.97
C ASP A 493 -20.38 -22.32 11.70
N ILE A 494 -20.73 -21.70 10.59
CA ILE A 494 -20.10 -20.48 10.13
C ILE A 494 -21.16 -19.41 10.10
N VAL A 495 -21.22 -18.58 11.15
CA VAL A 495 -22.26 -17.57 11.22
C VAL A 495 -21.70 -16.15 11.13
N VAL A 496 -22.36 -15.33 10.33
CA VAL A 496 -22.07 -13.89 10.23
C VAL A 496 -23.19 -13.14 10.92
N GLU A 497 -22.84 -12.28 11.86
CA GLU A 497 -23.79 -11.56 12.68
C GLU A 497 -23.72 -10.07 12.41
N ASP A 498 -24.86 -9.41 12.53
CA ASP A 498 -24.94 -7.96 12.49
C ASP A 498 -24.51 -7.42 11.12
N TYR A 499 -24.95 -8.10 10.05
CA TYR A 499 -24.73 -7.63 8.70
C TYR A 499 -25.79 -6.60 8.37
N VAL A 500 -25.37 -5.35 8.28
CA VAL A 500 -26.18 -4.28 7.74
C VAL A 500 -25.58 -3.91 6.40
N SER A 501 -26.40 -3.88 5.36
CA SER A 501 -25.94 -3.46 4.03
C SER A 501 -26.94 -2.64 3.22
N HIS A 502 -26.38 -1.82 2.34
CA HIS A 502 -27.10 -1.20 1.24
C HIS A 502 -27.70 -2.29 0.34
N PRO A 503 -28.68 -1.93 -0.51
CA PRO A 503 -29.31 -2.96 -1.36
C PRO A 503 -28.38 -3.61 -2.40
N PRO A 504 -28.76 -4.80 -2.91
CA PRO A 504 -27.92 -5.45 -3.90
C PRO A 504 -27.89 -4.71 -5.23
N ILE A 505 -26.77 -4.86 -5.93
CA ILE A 505 -26.56 -4.23 -7.21
C ILE A 505 -26.40 -5.36 -8.21
N PRO A 506 -27.34 -5.46 -9.17
CA PRO A 506 -27.22 -6.51 -10.18
C PRO A 506 -25.99 -6.32 -11.05
N MET A 507 -25.27 -7.41 -11.32
CA MET A 507 -24.09 -7.37 -12.18
C MET A 507 -23.96 -8.68 -12.96
N ALA A 508 -23.86 -8.59 -14.29
CA ALA A 508 -23.81 -9.79 -15.13
C ALA A 508 -22.46 -10.48 -15.05
N MET A 509 -22.45 -11.81 -15.03
CA MET A 509 -21.20 -12.57 -15.10
C MET A 509 -20.76 -12.73 -16.55
N SER A 510 -19.66 -12.05 -16.90
CA SER A 510 -19.17 -12.00 -18.29
C SER A 510 -18.09 -13.04 -18.52
N TYR B 5 24.46 43.43 5.25
CA TYR B 5 23.41 42.79 4.40
C TYR B 5 22.04 42.78 5.08
N GLU B 6 21.62 43.95 5.58
CA GLU B 6 20.29 44.12 6.15
C GLU B 6 19.22 44.22 5.05
N GLY B 7 18.11 43.51 5.25
CA GLY B 7 17.01 43.48 4.28
C GLY B 7 17.25 42.63 3.04
N CYS B 8 18.34 41.85 3.05
CA CYS B 8 18.74 41.04 1.90
C CYS B 8 18.62 39.55 2.19
N GLY B 9 17.94 39.17 3.27
CA GLY B 9 17.74 37.76 3.60
C GLY B 9 16.65 37.11 2.77
N ASP B 10 16.42 35.82 3.01
CA ASP B 10 15.35 35.05 2.37
C ASP B 10 15.41 35.11 0.83
N LEU B 11 16.57 34.70 0.30
CA LEU B 11 16.76 34.55 -1.13
C LEU B 11 16.80 33.06 -1.46
N THR B 12 16.21 32.69 -2.60
CA THR B 12 16.07 31.28 -2.96
C THR B 12 16.96 30.93 -4.16
N ILE B 13 17.76 29.89 -4.02
CA ILE B 13 18.59 29.41 -5.11
C ILE B 13 17.88 28.35 -5.95
N PHE B 14 18.05 28.47 -7.26
CA PHE B 14 17.82 27.36 -8.20
C PHE B 14 19.13 27.10 -8.90
N VAL B 15 19.52 25.82 -9.00
CA VAL B 15 20.76 25.42 -9.65
C VAL B 15 20.71 23.93 -10.04
N ALA B 16 21.44 23.57 -11.10
CA ALA B 16 21.65 22.19 -11.51
C ALA B 16 23.13 21.84 -11.36
N VAL B 17 23.44 20.73 -10.68
CA VAL B 17 24.81 20.43 -10.22
C VAL B 17 25.21 19.00 -10.54
N ALA B 18 26.38 18.82 -11.14
CA ALA B 18 26.89 17.50 -11.49
C ALA B 18 27.50 16.85 -10.25
N LEU B 19 27.85 15.58 -10.37
CA LEU B 19 28.35 14.80 -9.25
C LEU B 19 29.67 15.33 -8.69
N ASN B 20 30.44 16.03 -9.52
CA ASN B 20 31.72 16.64 -9.10
C ASN B 20 31.57 18.14 -8.85
N LYS B 21 30.33 18.60 -8.71
CA LYS B 21 29.98 19.96 -8.30
C LYS B 21 30.08 21.00 -9.42
N VAL B 22 30.35 20.53 -10.63
CA VAL B 22 30.43 21.38 -11.79
C VAL B 22 29.04 21.91 -12.15
N ILE B 23 28.96 23.21 -12.42
CA ILE B 23 27.73 23.80 -12.96
C ILE B 23 27.92 24.45 -14.33
N GLY B 24 29.16 24.76 -14.68
CA GLY B 24 29.47 25.37 -15.97
C GLY B 24 30.79 24.92 -16.58
N HIS B 25 30.83 24.98 -17.90
CA HIS B 25 32.04 24.70 -18.68
C HIS B 25 32.07 25.74 -19.79
N LYS B 26 33.16 26.52 -19.84
CA LYS B 26 33.35 27.58 -20.85
C LYS B 26 32.06 28.36 -21.09
N ASN B 27 31.52 28.89 -19.99
CA ASN B 27 30.24 29.62 -19.96
C ASN B 27 29.04 28.91 -20.58
N GLN B 28 29.09 27.59 -20.66
CA GLN B 28 27.97 26.80 -21.17
C GLN B 28 27.57 25.77 -20.12
N ILE B 29 26.42 25.16 -20.33
CA ILE B 29 25.95 24.09 -19.47
C ILE B 29 26.75 22.84 -19.84
N PRO B 30 27.47 22.24 -18.88
CA PRO B 30 28.42 21.20 -19.22
C PRO B 30 27.84 19.89 -19.76
N TRP B 31 26.51 19.71 -19.68
CA TRP B 31 25.87 18.45 -20.12
C TRP B 31 24.85 18.73 -21.20
N PRO B 32 24.43 17.68 -21.94
CA PRO B 32 23.34 17.89 -22.89
C PRO B 32 22.08 18.38 -22.17
N HIS B 33 21.35 19.26 -22.85
CA HIS B 33 20.17 19.93 -22.30
C HIS B 33 19.21 18.92 -21.65
N ILE B 34 18.75 19.23 -20.44
CA ILE B 34 17.70 18.44 -19.82
C ILE B 34 16.43 19.27 -19.81
N THR B 35 15.60 19.02 -20.83
CA THR B 35 14.36 19.77 -21.03
C THR B 35 13.52 19.80 -19.75
N HIS B 36 13.49 18.66 -19.06
CA HIS B 36 12.72 18.48 -17.84
C HIS B 36 13.13 19.48 -16.78
N ASP B 37 14.44 19.60 -16.60
CA ASP B 37 15.02 20.51 -15.63
C ASP B 37 14.63 21.97 -15.87
N PHE B 38 14.51 22.36 -17.15
CA PHE B 38 14.11 23.74 -17.49
C PHE B 38 12.61 23.95 -17.32
N ARG B 39 11.82 22.91 -17.56
CA ARG B 39 10.40 22.88 -17.20
C ARG B 39 10.25 23.08 -15.69
N PHE B 40 11.10 22.42 -14.93
CA PHE B 40 11.10 22.50 -13.48
C PHE B 40 11.46 23.90 -12.99
N LEU B 41 12.59 24.42 -13.48
CA LEU B 41 13.07 25.76 -13.11
C LEU B 41 12.06 26.85 -13.47
N ARG B 42 11.45 26.76 -14.65
CA ARG B 42 10.40 27.69 -15.07
C ARG B 42 9.23 27.66 -14.11
N ASN B 43 8.71 26.46 -13.85
CA ASN B 43 7.53 26.32 -13.00
C ASN B 43 7.79 26.86 -11.59
N GLY B 44 8.94 26.55 -11.03
CA GLY B 44 9.30 27.06 -9.70
C GLY B 44 9.50 28.57 -9.63
N THR B 45 10.00 29.16 -10.70
CA THR B 45 10.37 30.57 -10.68
C THR B 45 9.27 31.50 -11.19
N THR B 46 8.16 30.96 -11.67
CA THR B 46 7.04 31.78 -12.11
C THR B 46 5.81 31.64 -11.21
N TYR B 47 5.90 30.85 -10.15
CA TYR B 47 4.74 30.58 -9.31
C TYR B 47 4.41 31.78 -8.42
N ILE B 48 3.15 32.20 -8.48
CA ILE B 48 2.64 33.27 -7.64
C ILE B 48 1.47 32.72 -6.81
N PRO B 49 1.57 32.78 -5.46
CA PRO B 49 0.41 32.39 -4.65
C PRO B 49 -0.89 33.06 -5.14
N PRO B 50 -2.01 32.31 -5.16
CA PRO B 50 -3.28 32.77 -5.76
C PRO B 50 -4.01 33.93 -5.04
N PRO B 57 -1.94 40.51 -9.43
CA PRO B 57 -2.66 40.20 -10.68
C PRO B 57 -1.73 40.18 -11.88
N ASP B 58 -0.81 41.14 -11.90
CA ASP B 58 0.21 41.22 -12.94
C ASP B 58 1.60 41.14 -12.31
N ILE B 59 1.64 40.79 -11.02
CA ILE B 59 2.89 40.72 -10.29
C ILE B 59 3.73 39.55 -10.82
N GLN B 60 5.04 39.72 -10.76
CA GLN B 60 5.98 38.71 -11.23
C GLN B 60 7.02 38.46 -10.15
N ASN B 61 7.72 37.33 -10.28
CA ASN B 61 8.86 37.02 -9.43
C ASN B 61 10.09 37.65 -10.06
N VAL B 62 11.13 37.85 -9.25
CA VAL B 62 12.38 38.38 -9.74
C VAL B 62 13.41 37.27 -9.84
N VAL B 63 14.19 37.29 -10.91
CA VAL B 63 15.24 36.32 -11.15
C VAL B 63 16.57 37.06 -11.30
N ILE B 64 17.55 36.70 -10.47
CA ILE B 64 18.85 37.36 -10.47
C ILE B 64 19.98 36.46 -10.97
N PHE B 65 20.84 36.99 -11.84
CA PHE B 65 22.08 36.30 -12.26
C PHE B 65 23.26 37.25 -12.46
N GLY B 66 24.46 36.67 -12.47
CA GLY B 66 25.68 37.41 -12.73
C GLY B 66 25.86 37.68 -14.21
N ARG B 67 26.92 38.43 -14.53
CA ARG B 67 27.20 38.85 -15.91
C ARG B 67 27.57 37.67 -16.81
N LYS B 68 28.26 36.69 -16.22
CA LYS B 68 28.68 35.50 -16.94
C LYS B 68 27.51 34.66 -17.49
N THR B 69 26.52 34.37 -16.65
CA THR B 69 25.42 33.45 -17.02
C THR B 69 24.78 33.86 -18.35
N TYR B 70 25.11 33.11 -19.42
CA TYR B 70 24.79 33.49 -20.81
C TYR B 70 23.60 32.72 -21.40
N GLU B 71 22.40 33.27 -21.23
CA GLU B 71 21.17 32.70 -21.76
C GLU B 71 21.04 33.03 -23.24
N LEU B 80 14.54 35.97 -19.48
CA LEU B 80 13.66 34.82 -19.24
C LEU B 80 12.23 35.33 -19.09
N LYS B 81 11.28 34.68 -19.76
CA LYS B 81 9.93 35.18 -19.90
C LYS B 81 9.17 35.21 -18.58
N ASN B 82 8.15 36.07 -18.51
CA ASN B 82 7.23 36.19 -17.37
C ASN B 82 7.85 36.50 -16.00
N ARG B 83 9.10 36.98 -16.00
CA ARG B 83 9.80 37.33 -14.76
C ARG B 83 10.63 38.58 -14.93
N ILE B 84 10.99 39.20 -13.80
CA ILE B 84 11.86 40.36 -13.79
C ILE B 84 13.31 39.88 -13.73
N ASN B 85 14.13 40.35 -14.67
CA ASN B 85 15.52 39.93 -14.76
C ASN B 85 16.44 40.99 -14.19
N VAL B 86 17.32 40.56 -13.29
CA VAL B 86 18.25 41.46 -12.63
C VAL B 86 19.66 40.93 -12.83
N ILE B 87 20.56 41.78 -13.37
CA ILE B 87 21.96 41.41 -13.60
C ILE B 87 22.89 42.12 -12.60
N LEU B 88 23.90 41.39 -12.10
CA LEU B 88 24.91 41.95 -11.20
C LEU B 88 26.26 42.10 -11.90
N SER B 89 26.59 43.33 -12.27
CA SER B 89 27.82 43.61 -13.01
C SER B 89 28.48 44.88 -12.51
N ARG B 90 29.79 44.96 -12.68
CA ARG B 90 30.50 46.23 -12.60
C ARG B 90 31.12 46.59 -13.96
N THR B 91 30.72 45.87 -15.02
CA THR B 91 31.28 46.00 -16.37
C THR B 91 30.21 46.32 -17.42
N VAL B 92 29.03 46.72 -16.97
CA VAL B 92 27.91 47.06 -17.87
C VAL B 92 26.76 47.57 -17.01
N LYS B 93 26.12 48.66 -17.44
CA LYS B 93 24.92 49.18 -16.74
C LYS B 93 23.65 49.14 -17.59
N GLU B 94 23.76 48.85 -18.88
CA GLU B 94 22.60 48.78 -19.76
C GLU B 94 22.50 47.41 -20.41
N VAL B 95 21.31 46.80 -20.33
CA VAL B 95 20.99 45.57 -21.06
C VAL B 95 19.58 45.70 -21.62
N PRO B 96 19.30 45.06 -22.76
CA PRO B 96 17.91 45.03 -23.23
C PRO B 96 16.99 44.32 -22.24
N GLY B 97 16.03 45.04 -21.67
CA GLY B 97 14.99 44.42 -20.86
C GLY B 97 15.27 44.21 -19.38
N CYS B 98 16.52 44.39 -18.95
CA CYS B 98 16.91 43.99 -17.60
C CYS B 98 17.28 45.14 -16.68
N LEU B 99 17.15 44.88 -15.39
CA LEU B 99 17.64 45.78 -14.36
C LEU B 99 19.10 45.41 -14.08
N VAL B 100 19.94 46.41 -13.81
CA VAL B 100 21.36 46.17 -13.58
C VAL B 100 21.82 46.78 -12.26
N TYR B 101 22.69 46.06 -11.54
CA TYR B 101 23.26 46.55 -10.27
C TYR B 101 24.73 46.13 -10.15
N GLU B 102 25.47 46.89 -9.33
CA GLU B 102 26.88 46.63 -9.09
C GLU B 102 27.05 45.74 -7.86
N ASP B 103 26.07 45.74 -6.98
CA ASP B 103 26.15 45.03 -5.71
C ASP B 103 24.87 44.25 -5.43
N LEU B 104 25.05 43.14 -4.72
CA LEU B 104 23.90 42.36 -4.27
C LEU B 104 23.19 43.15 -3.18
N SER B 105 23.95 43.67 -2.21
CA SER B 105 23.40 44.54 -1.17
C SER B 105 22.50 45.61 -1.79
N THR B 106 23.01 46.29 -2.81
CA THR B 106 22.27 47.37 -3.47
C THR B 106 21.03 46.83 -4.20
N ALA B 107 21.17 45.71 -4.89
CA ALA B 107 20.09 45.17 -5.73
C ALA B 107 18.86 44.72 -4.94
N ILE B 108 19.09 44.05 -3.82
CA ILE B 108 17.99 43.52 -3.01
C ILE B 108 17.21 44.63 -2.31
N ARG B 109 17.95 45.52 -1.65
CA ARG B 109 17.37 46.71 -1.00
C ARG B 109 16.56 47.56 -1.98
N ASP B 110 17.05 47.74 -3.21
CA ASP B 110 16.34 48.56 -4.17
C ASP B 110 15.06 47.90 -4.67
N LEU B 111 15.16 46.65 -5.09
CA LEU B 111 13.99 45.91 -5.60
C LEU B 111 12.88 45.82 -4.55
N ARG B 112 13.27 45.55 -3.30
CA ARG B 112 12.31 45.37 -2.22
C ARG B 112 11.66 46.68 -1.73
N ALA B 113 12.26 47.81 -2.06
CA ALA B 113 11.68 49.11 -1.74
C ALA B 113 10.87 49.69 -2.91
N ASN B 114 11.42 49.63 -4.12
CA ASN B 114 10.88 50.38 -5.28
C ASN B 114 10.34 49.57 -6.46
N VAL B 115 10.66 48.28 -6.53
CA VAL B 115 10.16 47.44 -7.64
C VAL B 115 9.19 46.38 -7.11
N PRO B 116 7.87 46.61 -7.30
CA PRO B 116 6.87 45.64 -6.79
C PRO B 116 6.95 44.26 -7.43
N HIS B 117 7.14 43.25 -6.58
CA HIS B 117 7.32 41.87 -7.02
C HIS B 117 6.83 40.91 -5.94
N ASN B 118 6.74 39.63 -6.29
CA ASN B 118 6.42 38.59 -5.34
C ASN B 118 7.68 38.11 -4.58
N LYS B 119 8.53 37.34 -5.25
CA LYS B 119 9.68 36.67 -4.62
C LYS B 119 10.93 36.81 -5.49
N ILE B 120 12.10 36.75 -4.86
CA ILE B 120 13.39 36.84 -5.54
C ILE B 120 14.10 35.49 -5.60
N PHE B 121 14.49 35.09 -6.81
CA PHE B 121 15.30 33.89 -7.03
C PHE B 121 16.71 34.25 -7.49
N ILE B 122 17.66 33.38 -7.17
CA ILE B 122 19.08 33.51 -7.57
C ILE B 122 19.44 32.38 -8.55
N LEU B 123 19.71 32.73 -9.81
CA LEU B 123 19.90 31.73 -10.86
C LEU B 123 21.36 31.51 -11.29
N GLY B 124 22.29 32.22 -10.68
CA GLY B 124 23.68 31.76 -10.71
C GLY B 124 24.83 32.67 -11.12
N GLY B 125 25.90 31.98 -11.51
CA GLY B 125 27.24 32.43 -11.28
C GLY B 125 27.62 31.92 -9.90
N SER B 126 28.75 31.24 -9.82
CA SER B 126 29.32 30.78 -8.56
C SER B 126 29.54 31.90 -7.54
N PHE B 127 29.93 33.08 -8.01
CA PHE B 127 30.17 34.22 -7.11
C PHE B 127 28.88 34.73 -6.49
N LEU B 128 27.82 34.74 -7.28
CA LEU B 128 26.48 35.07 -6.79
C LEU B 128 26.05 34.04 -5.72
N TYR B 129 26.20 32.75 -6.04
CA TYR B 129 25.86 31.69 -5.10
C TYR B 129 26.73 31.71 -3.84
N LYS B 130 28.03 31.98 -4.00
CA LYS B 130 28.95 32.03 -2.86
C LYS B 130 28.64 33.22 -1.96
N GLU B 131 28.32 34.36 -2.57
CA GLU B 131 27.96 35.55 -1.83
C GLU B 131 26.64 35.36 -1.11
N VAL B 132 25.68 34.74 -1.80
CA VAL B 132 24.37 34.52 -1.21
C VAL B 132 24.52 33.55 -0.03
N LEU B 133 25.29 32.49 -0.23
CA LEU B 133 25.48 31.49 0.83
C LEU B 133 26.33 31.99 1.99
N ASP B 134 27.43 32.70 1.71
CA ASP B 134 28.39 33.10 2.77
C ASP B 134 27.81 34.05 3.81
N ASN B 135 26.88 34.89 3.39
CA ASN B 135 26.27 35.85 4.29
C ASN B 135 24.89 35.40 4.78
N GLY B 136 24.61 34.10 4.71
CA GLY B 136 23.37 33.54 5.27
C GLY B 136 22.10 34.15 4.71
N LEU B 137 22.13 34.52 3.43
CA LEU B 137 21.03 35.22 2.78
C LEU B 137 20.02 34.28 2.08
N CYS B 138 20.30 32.97 2.09
CA CYS B 138 19.46 32.01 1.37
C CYS B 138 18.69 31.16 2.34
N ASP B 139 17.38 31.05 2.15
CA ASP B 139 16.54 30.20 3.03
C ASP B 139 16.14 28.85 2.42
N LYS B 140 16.40 28.67 1.13
CA LYS B 140 15.90 27.53 0.38
C LYS B 140 16.69 27.34 -0.91
N ILE B 141 17.10 26.10 -1.20
CA ILE B 141 17.83 25.79 -2.43
C ILE B 141 17.10 24.67 -3.19
N TYR B 142 16.63 24.95 -4.40
CA TYR B 142 16.07 23.92 -5.27
C TYR B 142 17.18 23.43 -6.20
N LEU B 143 17.72 22.25 -5.91
CA LEU B 143 18.89 21.73 -6.60
C LEU B 143 18.56 20.47 -7.38
N THR B 144 18.77 20.52 -8.70
CA THR B 144 18.71 19.35 -9.58
C THR B 144 20.02 18.55 -9.44
N ARG B 145 19.92 17.33 -8.91
CA ARG B 145 21.10 16.48 -8.74
C ARG B 145 21.33 15.59 -9.95
N LEU B 146 22.51 15.67 -10.56
CA LEU B 146 22.87 14.80 -11.68
C LEU B 146 23.91 13.78 -11.22
N ASN B 147 23.62 12.50 -11.50
CA ASN B 147 24.48 11.40 -11.05
C ASN B 147 25.71 11.12 -11.93
N LYS B 148 26.23 12.15 -12.57
CA LYS B 148 27.38 12.00 -13.42
C LYS B 148 28.33 13.18 -13.20
N GLU B 149 29.63 12.90 -13.25
CA GLU B 149 30.65 13.93 -13.31
C GLU B 149 30.68 14.46 -14.74
N TYR B 150 30.72 15.78 -14.87
CA TYR B 150 30.91 16.40 -16.17
C TYR B 150 32.12 17.34 -16.14
N PRO B 151 32.91 17.36 -17.24
CA PRO B 151 34.00 18.34 -17.30
C PRO B 151 33.46 19.74 -17.04
N GLY B 152 34.25 20.59 -16.41
CA GLY B 152 33.81 21.94 -16.14
C GLY B 152 34.87 22.82 -15.53
N ASP B 153 34.53 24.09 -15.41
CA ASP B 153 35.43 25.09 -14.85
C ASP B 153 34.75 25.98 -13.82
N THR B 154 33.45 25.79 -13.61
CA THR B 154 32.63 26.60 -12.72
C THR B 154 31.88 25.62 -11.86
N TYR B 155 31.82 25.93 -10.56
CA TYR B 155 31.36 24.97 -9.56
C TYR B 155 30.42 25.63 -8.57
N PHE B 156 29.50 24.83 -8.03
CA PHE B 156 28.57 25.27 -7.01
C PHE B 156 29.26 25.12 -5.66
N PRO B 157 29.24 26.18 -4.81
CA PRO B 157 29.91 26.07 -3.50
C PRO B 157 29.27 25.02 -2.60
N ASP B 158 30.06 24.46 -1.69
CA ASP B 158 29.56 23.51 -0.71
C ASP B 158 28.40 24.16 0.06
N ILE B 159 27.39 23.35 0.38
CA ILE B 159 26.25 23.82 1.14
C ILE B 159 26.62 23.71 2.62
N PRO B 160 26.52 24.83 3.35
CA PRO B 160 26.92 24.78 4.76
C PRO B 160 26.07 23.83 5.60
N ASP B 161 26.66 23.23 6.64
CA ASP B 161 25.96 22.29 7.54
C ASP B 161 24.67 22.85 8.14
N THR B 162 24.35 24.10 7.81
CA THR B 162 23.23 24.82 8.36
C THR B 162 21.94 24.48 7.60
N PHE B 163 22.11 23.77 6.48
CA PHE B 163 20.99 23.30 5.63
C PHE B 163 20.86 21.78 5.73
N GLU B 164 19.63 21.30 5.53
CA GLU B 164 19.39 19.87 5.29
C GLU B 164 18.34 19.72 4.19
N ILE B 165 18.31 18.54 3.57
CA ILE B 165 17.34 18.24 2.53
C ILE B 165 15.98 17.93 3.17
N THR B 166 14.96 18.65 2.72
CA THR B 166 13.60 18.50 3.22
C THR B 166 12.63 17.91 2.18
N ALA B 167 13.06 17.79 0.93
CA ALA B 167 12.20 17.24 -0.13
C ALA B 167 13.02 16.56 -1.21
N ILE B 168 12.50 15.43 -1.73
CA ILE B 168 13.17 14.66 -2.78
C ILE B 168 12.14 14.15 -3.79
N SER B 169 12.38 14.37 -5.07
CA SER B 169 11.45 13.97 -6.10
C SER B 169 11.71 12.53 -6.46
N PRO B 170 10.87 11.96 -7.33
CA PRO B 170 11.30 10.71 -7.93
C PRO B 170 12.62 10.86 -8.72
N THR B 171 13.33 9.76 -8.91
CA THR B 171 14.44 9.71 -9.85
C THR B 171 13.89 9.71 -11.29
N PHE B 172 14.50 10.53 -12.15
CA PHE B 172 14.18 10.55 -13.58
C PHE B 172 15.44 10.25 -14.39
N SER B 173 15.30 10.12 -15.69
CA SER B 173 16.45 9.85 -16.54
C SER B 173 16.24 10.25 -17.98
N THR B 174 17.34 10.53 -18.66
CA THR B 174 17.37 10.72 -20.08
C THR B 174 18.22 9.58 -20.58
N ASP B 175 18.57 9.59 -21.88
CA ASP B 175 19.42 8.53 -22.45
C ASP B 175 20.86 8.60 -21.95
N PHE B 176 21.23 9.70 -21.31
CA PHE B 176 22.62 9.97 -20.90
C PHE B 176 22.86 10.24 -19.38
N VAL B 177 21.81 10.53 -18.62
CA VAL B 177 21.97 10.69 -17.17
C VAL B 177 20.69 10.43 -16.38
N SER B 178 20.85 10.01 -15.13
CA SER B 178 19.74 9.99 -14.17
C SER B 178 19.90 11.15 -13.20
N TYR B 179 18.80 11.62 -12.66
CA TYR B 179 18.81 12.87 -11.93
C TYR B 179 17.53 13.01 -11.09
N ASP B 180 17.55 13.93 -10.15
CA ASP B 180 16.33 14.30 -9.47
C ASP B 180 16.42 15.74 -8.97
N PHE B 181 15.36 16.16 -8.28
CA PHE B 181 15.27 17.49 -7.69
C PHE B 181 15.22 17.33 -6.18
N VAL B 182 15.96 18.19 -5.47
CA VAL B 182 15.85 18.28 -4.02
C VAL B 182 15.59 19.72 -3.58
N ILE B 183 15.14 19.85 -2.34
CA ILE B 183 15.06 21.15 -1.69
C ILE B 183 15.88 21.04 -0.43
N TYR B 184 16.81 21.98 -0.24
CA TYR B 184 17.52 22.16 1.03
C TYR B 184 16.86 23.34 1.75
N GLU B 185 16.71 23.25 3.06
CA GLU B 185 16.23 24.41 3.85
C GLU B 185 17.11 24.54 5.06
N ARG B 186 17.12 25.74 5.63
CA ARG B 186 17.93 26.02 6.83
C ARG B 186 17.38 25.39 8.09
N LYS B 187 18.29 24.82 8.89
CA LYS B 187 18.08 24.23 10.24
C LYS B 187 18.16 22.70 10.21
N PRO B 196 -1.54 18.28 13.80
CA PRO B 196 -2.31 17.14 13.27
C PRO B 196 -3.71 17.05 13.92
N PRO B 197 -4.78 17.42 13.18
CA PRO B 197 -6.11 17.58 13.79
C PRO B 197 -6.54 16.42 14.69
N PHE B 198 -7.18 16.76 15.79
CA PHE B 198 -7.58 15.78 16.81
C PHE B 198 -8.48 14.65 16.27
N ASP B 199 -9.43 15.00 15.40
CA ASP B 199 -10.34 14.01 14.82
C ASP B 199 -9.61 12.89 14.05
N GLN B 200 -8.46 13.20 13.46
CA GLN B 200 -7.67 12.17 12.78
C GLN B 200 -7.07 11.16 13.76
N LEU B 201 -6.82 11.60 14.99
CA LEU B 201 -6.35 10.70 16.05
C LEU B 201 -7.53 9.95 16.69
N LEU B 202 -8.59 10.69 17.03
CA LEU B 202 -9.75 10.12 17.70
C LEU B 202 -10.43 9.06 16.84
N MET B 203 -10.62 9.35 15.56
CA MET B 203 -11.33 8.46 14.63
C MET B 203 -10.54 7.24 14.15
N THR B 204 -9.37 6.99 14.71
CA THR B 204 -8.69 5.70 14.49
C THR B 204 -9.34 4.65 15.38
N GLY B 205 -9.99 5.10 16.47
CA GLY B 205 -10.56 4.20 17.47
C GLY B 205 -9.58 3.74 18.54
N THR B 206 -8.29 4.02 18.34
CA THR B 206 -7.25 3.50 19.22
C THR B 206 -6.75 4.64 20.13
N ASP B 207 -5.85 4.31 21.06
CA ASP B 207 -5.40 5.28 22.07
C ASP B 207 -4.92 6.57 21.39
N ILE B 208 -5.37 7.71 21.92
CA ILE B 208 -5.07 9.02 21.33
C ILE B 208 -3.60 9.44 21.51
N SER B 209 -2.94 8.92 22.54
CA SER B 209 -1.58 9.32 22.91
C SER B 209 -0.66 8.09 23.05
N LYS B 212 4.10 7.24 18.96
CA LYS B 212 5.23 7.80 18.20
C LYS B 212 6.30 6.72 17.93
N PRO B 213 6.43 6.29 16.65
CA PRO B 213 7.35 5.21 16.26
C PRO B 213 8.78 5.43 16.78
N LYS B 214 9.40 4.37 17.30
CA LYS B 214 10.74 4.50 17.85
C LYS B 214 11.75 4.83 16.75
N TYR B 215 11.50 4.36 15.53
CA TYR B 215 12.38 4.60 14.40
C TYR B 215 11.64 5.27 13.26
N VAL B 216 12.24 6.33 12.72
CA VAL B 216 11.70 6.98 11.54
C VAL B 216 12.86 7.20 10.58
N ALA B 217 12.63 6.86 9.30
CA ALA B 217 13.65 7.05 8.26
C ALA B 217 13.68 8.52 7.84
N CYS B 218 14.87 9.10 7.78
CA CYS B 218 15.11 10.49 7.35
C CYS B 218 14.01 11.42 7.80
N PRO B 219 13.91 11.67 9.13
CA PRO B 219 12.82 12.45 9.66
C PRO B 219 12.78 13.88 9.10
N GLY B 220 13.95 14.41 8.78
CA GLY B 220 14.04 15.75 8.21
C GLY B 220 13.39 15.89 6.85
N VAL B 221 13.34 14.82 6.06
CA VAL B 221 12.75 14.87 4.71
C VAL B 221 11.23 14.77 4.83
N ARG B 222 10.54 15.85 4.49
CA ARG B 222 9.08 15.94 4.63
C ARG B 222 8.31 15.63 3.35
N ILE B 223 8.87 15.94 2.18
CA ILE B 223 8.29 15.49 0.90
C ILE B 223 9.15 14.34 0.37
N ARG B 224 8.58 13.14 0.35
CA ARG B 224 9.36 11.90 0.26
C ARG B 224 9.00 11.06 -0.97
N ASN B 225 9.27 11.62 -2.15
CA ASN B 225 8.82 11.00 -3.41
C ASN B 225 9.84 10.09 -4.06
N HIS B 226 11.05 10.02 -3.49
CA HIS B 226 12.04 9.05 -3.96
C HIS B 226 11.51 7.67 -3.62
N GLU B 227 11.51 6.78 -4.60
CA GLU B 227 10.98 5.44 -4.46
C GLU B 227 11.67 4.65 -3.38
N GLU B 228 12.90 5.03 -3.04
CA GLU B 228 13.69 4.26 -2.08
C GLU B 228 13.10 4.41 -0.68
N PHE B 229 12.38 5.50 -0.45
CA PHE B 229 11.67 5.67 0.82
C PHE B 229 10.64 4.55 1.09
N GLN B 230 10.13 3.90 0.06
CA GLN B 230 9.27 2.75 0.31
C GLN B 230 10.04 1.74 1.18
N TYR B 231 11.31 1.56 0.86
CA TYR B 231 12.15 0.57 1.50
C TYR B 231 12.60 1.01 2.89
N LEU B 232 13.06 2.26 2.98
CA LEU B 232 13.43 2.85 4.28
C LEU B 232 12.26 2.84 5.27
N ASP B 233 11.06 3.16 4.80
CA ASP B 233 9.89 3.15 5.68
C ASP B 233 9.58 1.76 6.19
N ILE B 234 9.81 0.73 5.36
CA ILE B 234 9.51 -0.62 5.79
C ILE B 234 10.53 -1.10 6.84
N LEU B 235 11.81 -0.81 6.61
CA LEU B 235 12.84 -1.05 7.61
C LEU B 235 12.40 -0.43 8.94
N ALA B 236 12.07 0.85 8.92
CA ALA B 236 11.62 1.59 10.10
C ALA B 236 10.35 1.00 10.73
N ASP B 237 9.47 0.45 9.91
CA ASP B 237 8.19 -0.12 10.38
C ASP B 237 8.43 -1.44 11.12
N VAL B 238 9.37 -2.24 10.61
CA VAL B 238 9.68 -3.53 11.20
C VAL B 238 10.42 -3.37 12.52
N LEU B 239 11.40 -2.45 12.55
CA LEU B 239 12.13 -2.18 13.78
C LEU B 239 11.22 -1.57 14.85
N SER B 240 10.29 -0.73 14.43
CA SER B 240 9.36 -0.08 15.35
C SER B 240 8.27 -1.02 15.85
N HIS B 241 7.67 -1.78 14.94
CA HIS B 241 6.43 -2.50 15.23
C HIS B 241 6.49 -4.00 14.99
N GLY B 242 7.63 -4.52 14.59
CA GLY B 242 7.75 -5.94 14.31
C GLY B 242 7.83 -6.72 15.60
N VAL B 243 7.40 -7.97 15.55
CA VAL B 243 7.50 -8.87 16.70
C VAL B 243 8.79 -9.68 16.62
N LEU B 244 9.49 -9.74 17.74
CA LEU B 244 10.71 -10.51 17.84
C LEU B 244 10.30 -11.95 18.01
N LYS B 245 10.61 -12.79 17.03
CA LYS B 245 10.29 -14.23 17.09
C LYS B 245 11.41 -15.06 16.45
N PRO B 246 11.44 -16.38 16.72
CA PRO B 246 12.52 -17.25 16.21
C PRO B 246 12.28 -17.82 14.81
N ASN B 247 13.29 -18.50 14.27
CA ASN B 247 13.20 -19.05 12.94
C ASN B 247 14.24 -20.13 12.70
N ARG B 248 14.12 -20.79 11.55
CA ARG B 248 14.99 -21.90 11.15
C ARG B 248 16.51 -21.64 11.25
N THR B 249 16.96 -20.39 11.21
CA THR B 249 18.41 -20.11 11.14
C THR B 249 19.12 -20.26 12.48
N GLY B 250 18.36 -20.19 13.57
CA GLY B 250 18.94 -20.06 14.90
C GLY B 250 18.86 -18.63 15.40
N THR B 251 19.32 -17.67 14.59
CA THR B 251 19.30 -16.24 15.00
C THR B 251 17.89 -15.67 14.85
N ASP B 252 17.46 -14.90 15.84
CA ASP B 252 16.11 -14.40 15.89
C ASP B 252 15.97 -13.14 15.04
N ALA B 253 14.73 -12.73 14.76
CA ALA B 253 14.44 -11.60 13.89
C ALA B 253 13.17 -10.87 14.30
N TYR B 254 13.19 -9.53 14.20
CA TYR B 254 11.96 -8.73 14.25
C TYR B 254 11.20 -8.93 12.94
N SER B 255 9.90 -9.20 13.00
CA SER B 255 9.11 -9.65 11.85
C SER B 255 7.75 -8.98 11.74
N LYS B 256 7.38 -8.63 10.51
CA LYS B 256 6.04 -8.15 10.18
C LYS B 256 5.69 -8.61 8.76
N PHE B 257 4.40 -8.75 8.55
CA PHE B 257 3.85 -9.48 7.42
C PHE B 257 3.11 -8.52 6.51
N GLY B 258 3.36 -8.60 5.21
CA GLY B 258 2.53 -7.92 4.22
C GLY B 258 2.97 -6.51 3.87
N TYR B 259 3.70 -6.38 2.78
CA TYR B 259 4.00 -5.07 2.21
C TYR B 259 3.97 -5.16 0.70
N GLN B 260 3.77 -4.01 0.07
CA GLN B 260 3.88 -3.88 -1.36
C GLN B 260 4.65 -2.61 -1.71
N MET B 261 5.66 -2.78 -2.56
CA MET B 261 6.45 -1.69 -3.08
C MET B 261 6.32 -1.70 -4.59
N ARG B 262 6.35 -0.49 -5.19
CA ARG B 262 6.34 -0.29 -6.64
C ARG B 262 7.55 0.52 -7.10
N PHE B 263 8.08 0.17 -8.27
CA PHE B 263 9.17 0.90 -8.91
C PHE B 263 8.91 1.12 -10.42
N ASP B 264 8.95 2.38 -10.83
CA ASP B 264 8.77 2.76 -12.21
C ASP B 264 10.08 2.58 -13.00
N LEU B 265 10.13 1.49 -13.78
CA LEU B 265 11.33 1.07 -14.49
C LEU B 265 11.61 1.86 -15.75
N SER B 266 10.63 2.63 -16.24
CA SER B 266 10.87 3.55 -17.37
C SER B 266 11.72 4.75 -16.93
N ARG B 267 11.79 4.98 -15.62
CA ARG B 267 12.31 6.19 -15.03
C ARG B 267 13.71 5.99 -14.46
N SER B 268 13.90 4.90 -13.71
CA SER B 268 15.20 4.61 -13.10
C SER B 268 15.33 3.14 -12.77
N PHE B 269 16.52 2.71 -12.37
CA PHE B 269 16.73 1.31 -11.99
C PHE B 269 16.85 1.29 -10.48
N PRO B 270 15.91 0.63 -9.79
CA PRO B 270 15.78 0.74 -8.34
C PRO B 270 16.82 -0.05 -7.57
N LEU B 271 18.09 0.34 -7.70
CA LEU B 271 19.18 -0.26 -6.93
C LEU B 271 19.44 0.66 -5.78
N LEU B 272 19.32 0.16 -4.55
CA LEU B 272 19.32 1.00 -3.37
C LEU B 272 20.62 1.82 -3.25
N THR B 273 20.48 3.04 -2.79
CA THR B 273 21.58 3.99 -2.71
C THR B 273 21.95 4.36 -1.27
N THR B 274 21.15 3.93 -0.30
CA THR B 274 21.41 4.22 1.12
C THR B 274 22.53 3.34 1.67
N LYS B 275 22.89 2.31 0.90
CA LYS B 275 24.12 1.57 1.12
C LYS B 275 24.56 1.03 -0.23
N LYS B 276 25.85 0.70 -0.38
CA LYS B 276 26.36 0.19 -1.66
C LYS B 276 25.90 -1.24 -1.86
N VAL B 277 25.22 -1.49 -2.97
CA VAL B 277 24.83 -2.83 -3.33
C VAL B 277 25.60 -3.24 -4.57
N ALA B 278 26.29 -4.38 -4.51
CA ALA B 278 27.01 -4.93 -5.66
C ALA B 278 26.07 -5.87 -6.40
N LEU B 279 26.11 -5.87 -7.72
CA LEU B 279 25.15 -6.62 -8.54
C LEU B 279 25.73 -7.76 -9.39
N ARG B 280 27.05 -7.75 -9.59
CA ARG B 280 27.70 -8.77 -10.41
C ARG B 280 27.18 -10.19 -10.12
N SER B 281 27.05 -10.52 -8.84
CA SER B 281 26.60 -11.85 -8.41
C SER B 281 25.13 -12.08 -8.74
N ILE B 282 24.30 -11.07 -8.48
CA ILE B 282 22.88 -11.06 -8.84
C ILE B 282 22.66 -11.29 -10.33
N ILE B 283 23.48 -10.66 -11.16
CA ILE B 283 23.31 -10.77 -12.61
C ILE B 283 23.75 -12.15 -13.10
N GLU B 284 24.89 -12.63 -12.61
CA GLU B 284 25.32 -14.00 -12.94
C GLU B 284 24.25 -15.00 -12.45
N GLU B 285 23.70 -14.77 -11.26
CA GLU B 285 22.65 -15.65 -10.76
C GLU B 285 21.40 -15.69 -11.65
N LEU B 286 20.92 -14.51 -12.06
CA LEU B 286 19.79 -14.42 -12.98
C LEU B 286 20.08 -15.16 -14.28
N LEU B 287 21.21 -14.88 -14.91
CA LEU B 287 21.60 -15.56 -16.16
C LEU B 287 21.60 -17.06 -15.98
N TRP B 288 22.03 -17.51 -14.80
CA TRP B 288 22.10 -18.92 -14.46
C TRP B 288 20.69 -19.50 -14.27
N PHE B 289 19.78 -18.73 -13.68
CA PHE B 289 18.36 -19.15 -13.65
C PHE B 289 17.82 -19.31 -15.07
N ILE B 290 18.11 -18.32 -15.90
CA ILE B 290 17.66 -18.34 -17.30
C ILE B 290 18.21 -19.54 -18.08
N LYS B 291 19.47 -19.93 -17.82
CA LYS B 291 19.98 -21.16 -18.47
C LYS B 291 19.35 -22.45 -17.89
N GLY B 292 18.61 -22.35 -16.79
CA GLY B 292 17.93 -23.52 -16.23
C GLY B 292 18.84 -24.42 -15.42
N SER B 293 19.99 -23.88 -15.02
CA SER B 293 21.01 -24.65 -14.35
C SER B 293 20.71 -24.88 -12.89
N THR B 294 20.99 -26.09 -12.42
CA THR B 294 20.97 -26.41 -11.01
C THR B 294 22.38 -26.76 -10.53
N ASN B 295 23.38 -26.42 -11.34
CA ASN B 295 24.77 -26.74 -11.03
C ASN B 295 25.49 -25.55 -10.42
N GLY B 296 25.73 -25.62 -9.11
CA GLY B 296 26.35 -24.54 -8.36
C GLY B 296 27.81 -24.28 -8.73
N ASN B 297 28.46 -25.25 -9.37
CA ASN B 297 29.82 -25.01 -9.92
C ASN B 297 29.84 -23.97 -11.04
N ASP B 298 28.73 -23.83 -11.76
CA ASP B 298 28.59 -22.81 -12.80
C ASP B 298 28.77 -21.42 -12.20
N LEU B 299 28.23 -21.19 -11.02
CA LEU B 299 28.43 -19.92 -10.35
C LEU B 299 29.84 -19.77 -9.76
N LEU B 300 30.35 -20.81 -9.11
CA LEU B 300 31.68 -20.72 -8.48
C LEU B 300 32.78 -20.47 -9.52
N ALA B 301 32.64 -21.11 -10.68
CA ALA B 301 33.52 -20.88 -11.83
C ALA B 301 33.61 -19.40 -12.21
N LYS B 302 32.55 -18.64 -11.94
CA LYS B 302 32.54 -17.18 -12.15
C LYS B 302 32.85 -16.42 -10.86
N ASN B 303 33.27 -17.14 -9.84
CA ASN B 303 33.46 -16.60 -8.50
C ASN B 303 32.21 -15.85 -8.01
N VAL B 304 31.09 -16.56 -8.12
CA VAL B 304 29.83 -16.14 -7.53
C VAL B 304 29.53 -17.17 -6.46
N ARG B 305 29.33 -16.71 -5.23
CA ARG B 305 29.27 -17.60 -4.07
C ARG B 305 27.94 -17.62 -3.32
N ILE B 306 27.00 -16.78 -3.74
CA ILE B 306 25.62 -16.80 -3.25
C ILE B 306 25.15 -18.16 -2.75
N TRP B 307 25.31 -19.18 -3.61
CA TRP B 307 24.78 -20.53 -3.37
C TRP B 307 25.76 -21.57 -2.81
N GLU B 308 26.98 -21.15 -2.49
CA GLU B 308 28.01 -22.10 -2.09
C GLU B 308 27.64 -22.93 -0.85
N LEU B 309 27.31 -22.26 0.24
CA LEU B 309 27.02 -22.92 1.52
C LEU B 309 25.92 -23.96 1.39
N ASN B 310 24.94 -23.69 0.54
CA ASN B 310 23.82 -24.59 0.37
C ASN B 310 24.12 -25.78 -0.53
N GLY B 311 25.28 -25.77 -1.17
CA GLY B 311 25.71 -26.89 -2.00
C GLY B 311 26.78 -27.76 -1.36
N ARG B 312 27.17 -27.46 -0.13
CA ARG B 312 28.22 -28.21 0.57
C ARG B 312 27.75 -29.54 1.15
N ARG B 313 28.72 -30.42 1.37
CA ARG B 313 28.54 -31.75 1.96
C ARG B 313 27.76 -31.71 3.27
N ASP B 314 28.19 -30.85 4.18
CA ASP B 314 27.55 -30.67 5.48
C ASP B 314 26.05 -30.35 5.34
N PHE B 315 25.73 -29.25 4.67
CA PHE B 315 24.35 -28.83 4.54
C PHE B 315 23.49 -29.90 3.84
N LEU B 316 24.07 -30.58 2.84
CA LEU B 316 23.31 -31.58 2.06
C LEU B 316 22.91 -32.79 2.88
N ASP B 317 23.90 -33.43 3.50
CA ASP B 317 23.69 -34.61 4.36
C ASP B 317 22.75 -34.27 5.51
N LYS B 318 22.96 -33.11 6.12
CA LYS B 318 22.08 -32.61 7.18
C LYS B 318 20.62 -32.53 6.70
N ASN B 319 20.40 -32.15 5.44
CA ASN B 319 19.05 -32.03 4.90
C ASN B 319 18.62 -33.26 4.12
N GLY B 320 19.33 -34.36 4.33
CA GLY B 320 18.92 -35.66 3.80
C GLY B 320 19.38 -36.03 2.41
N PHE B 321 20.20 -35.19 1.77
CA PHE B 321 20.60 -35.43 0.36
C PHE B 321 21.92 -36.21 0.24
N THR B 322 22.00 -37.27 1.05
CA THR B 322 23.14 -38.19 1.12
C THR B 322 23.73 -38.55 -0.25
N ASP B 323 22.85 -38.89 -1.19
CA ASP B 323 23.26 -39.45 -2.49
C ASP B 323 23.63 -38.44 -3.60
N ARG B 324 23.58 -37.13 -3.30
CA ARG B 324 23.84 -36.10 -4.32
C ARG B 324 25.25 -35.50 -4.26
N GLU B 325 25.80 -35.21 -5.44
CA GLU B 325 27.08 -34.50 -5.55
C GLU B 325 27.03 -33.16 -4.88
N GLU B 326 28.19 -32.72 -4.38
CA GLU B 326 28.33 -31.38 -3.85
C GLU B 326 27.94 -30.37 -4.95
N HIS B 327 27.24 -29.31 -4.55
CA HIS B 327 26.75 -28.24 -5.44
C HIS B 327 25.69 -28.64 -6.50
N ASP B 328 25.14 -29.85 -6.38
CA ASP B 328 23.86 -30.19 -7.01
C ASP B 328 22.76 -29.68 -6.08
N LEU B 329 22.07 -28.63 -6.52
CA LEU B 329 21.16 -27.88 -5.67
C LEU B 329 19.71 -28.35 -5.81
N GLY B 330 19.50 -29.29 -6.73
CA GLY B 330 18.17 -29.83 -6.95
C GLY B 330 17.38 -29.00 -7.92
N PRO B 331 16.08 -29.32 -8.12
CA PRO B 331 15.21 -28.62 -9.03
C PRO B 331 14.76 -27.25 -8.48
N ILE B 332 15.72 -26.37 -8.26
CA ILE B 332 15.46 -25.03 -7.79
C ILE B 332 15.06 -24.14 -8.99
N TYR B 333 14.79 -22.87 -8.71
CA TYR B 333 14.38 -21.87 -9.71
C TYR B 333 14.55 -22.25 -11.19
N GLY B 334 15.79 -22.31 -11.66
CA GLY B 334 16.08 -22.47 -13.07
C GLY B 334 15.46 -23.71 -13.65
N PHE B 335 15.50 -24.81 -12.90
CA PHE B 335 14.85 -26.01 -13.34
C PHE B 335 13.36 -25.77 -13.50
N GLN B 336 12.76 -25.11 -12.51
CA GLN B 336 11.30 -24.87 -12.58
C GLN B 336 10.89 -23.94 -13.71
N TRP B 337 11.68 -22.90 -13.94
CA TRP B 337 11.41 -21.92 -15.00
C TRP B 337 11.38 -22.56 -16.40
N ARG B 338 12.33 -23.46 -16.67
CA ARG B 338 12.52 -24.06 -17.99
C ARG B 338 11.97 -25.50 -18.13
N HIS B 339 11.77 -26.18 -17.01
CA HIS B 339 11.42 -27.61 -17.03
C HIS B 339 10.41 -27.99 -15.95
N PHE B 340 9.44 -27.12 -15.64
CA PHE B 340 8.45 -27.45 -14.62
C PHE B 340 7.79 -28.81 -14.90
N GLY B 341 7.81 -29.70 -13.91
CA GLY B 341 7.09 -30.97 -14.00
C GLY B 341 7.89 -32.14 -14.54
N ALA B 342 9.09 -31.87 -15.03
CA ALA B 342 10.03 -32.90 -15.44
C ALA B 342 10.58 -33.62 -14.21
N GLU B 343 10.90 -34.89 -14.37
CA GLU B 343 11.44 -35.71 -13.27
C GLU B 343 12.90 -35.34 -13.11
N TYR B 344 13.29 -34.91 -11.91
CA TYR B 344 14.68 -34.51 -11.66
C TYR B 344 15.55 -35.72 -11.39
N LEU B 345 16.75 -35.71 -11.94
CA LEU B 345 17.71 -36.78 -11.78
C LEU B 345 18.97 -36.20 -11.11
N ASP B 346 19.79 -35.50 -11.88
CA ASP B 346 20.91 -34.75 -11.32
C ASP B 346 21.21 -33.53 -12.18
N MET B 347 22.14 -32.72 -11.71
CA MET B 347 22.50 -31.49 -12.37
C MET B 347 23.17 -31.71 -13.72
N HIS B 348 23.63 -32.93 -13.97
CA HIS B 348 24.30 -33.26 -15.23
C HIS B 348 23.33 -33.76 -16.28
N ALA B 349 22.14 -34.16 -15.85
CA ALA B 349 21.14 -34.73 -16.76
C ALA B 349 20.68 -33.76 -17.87
N ASP B 350 20.19 -34.31 -18.96
CA ASP B 350 19.66 -33.55 -20.09
C ASP B 350 18.14 -33.43 -20.00
N TYR B 351 17.64 -32.22 -19.77
CA TYR B 351 16.21 -32.01 -19.57
C TYR B 351 15.50 -31.36 -20.78
N THR B 352 16.20 -31.25 -21.90
CA THR B 352 15.63 -30.68 -23.13
C THR B 352 14.35 -31.40 -23.51
N GLY B 353 13.30 -30.63 -23.82
CA GLY B 353 12.02 -31.19 -24.23
C GLY B 353 11.23 -31.84 -23.10
N LYS B 354 11.70 -31.68 -21.87
CA LYS B 354 11.08 -32.31 -20.71
C LYS B 354 10.55 -31.23 -19.79
N GLY B 355 9.31 -31.43 -19.33
CA GLY B 355 8.65 -30.45 -18.50
C GLY B 355 8.14 -29.30 -19.34
N ILE B 356 7.63 -28.28 -18.66
CA ILE B 356 7.03 -27.15 -19.32
C ILE B 356 7.98 -25.98 -19.17
N ASP B 357 8.34 -25.39 -20.30
CA ASP B 357 9.21 -24.23 -20.32
C ASP B 357 8.37 -22.99 -20.08
N GLN B 358 8.17 -22.68 -18.79
CA GLN B 358 7.38 -21.52 -18.40
C GLN B 358 7.91 -20.24 -19.00
N LEU B 359 9.21 -20.00 -18.87
CA LEU B 359 9.79 -18.73 -19.32
C LEU B 359 9.59 -18.53 -20.81
N ALA B 360 9.89 -19.55 -21.60
CA ALA B 360 9.72 -19.50 -23.08
C ALA B 360 8.27 -19.31 -23.47
N GLU B 361 7.37 -20.05 -22.83
CA GLU B 361 5.95 -19.94 -23.15
C GLU B 361 5.42 -18.55 -22.86
N ILE B 362 5.83 -17.99 -21.72
CA ILE B 362 5.31 -16.69 -21.31
C ILE B 362 5.86 -15.56 -22.16
N ILE B 363 7.10 -15.67 -22.61
CA ILE B 363 7.63 -14.66 -23.52
C ILE B 363 6.85 -14.72 -24.82
N ASN B 364 6.68 -15.93 -25.34
CA ASN B 364 5.90 -16.11 -26.55
C ASN B 364 4.49 -15.52 -26.41
N ARG B 365 3.83 -15.86 -25.31
CA ARG B 365 2.46 -15.36 -25.07
C ARG B 365 2.39 -13.84 -24.89
N ILE B 366 3.43 -13.22 -24.34
CA ILE B 366 3.47 -11.76 -24.29
C ILE B 366 3.46 -11.18 -25.71
N LYS B 367 4.31 -11.70 -26.59
CA LYS B 367 4.35 -11.27 -27.99
C LYS B 367 3.05 -11.50 -28.75
N THR B 368 2.33 -12.56 -28.38
CA THR B 368 1.22 -13.11 -29.18
C THR B 368 -0.18 -12.74 -28.65
N ASN B 369 -0.25 -12.46 -27.36
CA ASN B 369 -1.50 -12.17 -26.69
C ASN B 369 -1.17 -11.40 -25.42
N PRO B 370 -0.73 -10.12 -25.57
CA PRO B 370 -0.33 -9.38 -24.37
C PRO B 370 -1.42 -9.18 -23.34
N ASN B 371 -2.68 -9.35 -23.72
CA ASN B 371 -3.81 -9.18 -22.78
C ASN B 371 -4.12 -10.43 -21.96
N ASP B 372 -3.43 -11.53 -22.23
CA ASP B 372 -3.51 -12.72 -21.38
C ASP B 372 -3.29 -12.36 -19.89
N ARG B 373 -4.12 -12.93 -19.02
CA ARG B 373 -4.05 -12.68 -17.58
C ARG B 373 -3.39 -13.84 -16.82
N ARG B 374 -2.63 -14.66 -17.54
CA ARG B 374 -2.00 -15.84 -16.95
C ARG B 374 -0.52 -15.87 -17.27
N LEU B 375 0.11 -14.70 -17.31
CA LEU B 375 1.53 -14.61 -17.69
C LEU B 375 2.38 -14.84 -16.44
N ILE B 376 2.38 -16.08 -15.99
CA ILE B 376 2.94 -16.44 -14.69
C ILE B 376 4.07 -17.46 -14.83
N VAL B 377 5.14 -17.23 -14.07
CA VAL B 377 6.20 -18.21 -13.89
C VAL B 377 6.19 -18.59 -12.41
N CYS B 378 5.89 -19.86 -12.13
CA CYS B 378 5.81 -20.37 -10.79
C CYS B 378 6.96 -21.33 -10.51
N SER B 379 7.75 -21.02 -9.50
CA SER B 379 8.84 -21.88 -9.04
C SER B 379 8.39 -22.77 -7.89
N TRP B 380 7.23 -22.49 -7.30
CA TRP B 380 6.73 -23.26 -6.17
C TRP B 380 6.07 -24.55 -6.66
N ASN B 381 6.91 -25.44 -7.17
CA ASN B 381 6.48 -26.74 -7.61
C ASN B 381 6.35 -27.63 -6.38
N VAL B 382 5.11 -27.85 -5.96
CA VAL B 382 4.82 -28.48 -4.67
C VAL B 382 5.38 -29.89 -4.61
N SER B 383 5.36 -30.59 -5.74
CA SER B 383 5.89 -31.94 -5.79
C SER B 383 7.41 -32.00 -5.64
N ASP B 384 8.10 -30.91 -5.97
CA ASP B 384 9.56 -30.92 -5.99
C ASP B 384 10.18 -30.31 -4.73
N LEU B 385 9.35 -29.75 -3.85
CA LEU B 385 9.85 -29.15 -2.61
C LEU B 385 10.81 -30.06 -1.82
N LYS B 386 10.42 -31.31 -1.61
CA LYS B 386 11.22 -32.26 -0.81
C LYS B 386 12.62 -32.55 -1.40
N LYS B 387 12.85 -32.12 -2.64
CA LYS B 387 14.08 -32.35 -3.38
C LYS B 387 14.97 -31.12 -3.47
N MET B 388 14.47 -29.99 -2.96
CA MET B 388 15.18 -28.71 -3.13
C MET B 388 16.08 -28.42 -1.94
N ALA B 389 17.26 -27.87 -2.22
CA ALA B 389 18.19 -27.46 -1.17
C ALA B 389 17.42 -26.49 -0.25
N LEU B 390 16.98 -25.39 -0.83
CA LEU B 390 16.12 -24.42 -0.16
C LEU B 390 14.87 -24.29 -1.03
N PRO B 391 13.68 -24.30 -0.41
CA PRO B 391 12.50 -24.03 -1.22
C PRO B 391 12.52 -22.56 -1.66
N PRO B 392 11.96 -22.25 -2.83
CA PRO B 392 12.11 -20.91 -3.38
C PRO B 392 11.56 -19.80 -2.49
N CYS B 393 12.23 -18.66 -2.53
CA CYS B 393 11.87 -17.49 -1.75
C CYS B 393 11.08 -16.52 -2.61
N HIS B 394 11.58 -16.25 -3.81
CA HIS B 394 10.80 -15.53 -4.79
C HIS B 394 10.07 -16.61 -5.59
N CYS B 395 8.86 -16.95 -5.14
CA CYS B 395 8.16 -18.19 -5.50
C CYS B 395 7.45 -18.12 -6.82
N PHE B 396 7.10 -16.91 -7.21
CA PHE B 396 5.98 -16.70 -8.11
C PHE B 396 6.10 -15.29 -8.67
N PHE B 397 6.15 -15.15 -9.99
CA PHE B 397 5.95 -13.83 -10.59
C PHE B 397 5.01 -13.85 -11.76
N GLN B 398 4.45 -12.68 -12.04
CA GLN B 398 3.41 -12.52 -13.04
C GLN B 398 3.68 -11.24 -13.83
N PHE B 399 3.60 -11.36 -15.15
CA PHE B 399 3.70 -10.21 -16.02
C PHE B 399 2.32 -9.65 -16.39
N TYR B 400 2.34 -8.39 -16.82
CA TYR B 400 1.16 -7.63 -17.23
C TYR B 400 1.56 -6.64 -18.31
N VAL B 401 0.70 -6.46 -19.32
CA VAL B 401 0.97 -5.52 -20.41
C VAL B 401 -0.18 -4.52 -20.58
N SER B 402 0.16 -3.24 -20.57
CA SER B 402 -0.80 -2.15 -20.73
C SER B 402 -0.10 -0.99 -21.39
N ASP B 403 -0.66 -0.50 -22.48
CA ASP B 403 -0.05 0.52 -23.34
C ASP B 403 1.41 0.26 -23.71
N ASN B 404 1.63 -0.95 -24.19
CA ASN B 404 2.91 -1.36 -24.76
C ASN B 404 4.07 -1.30 -23.78
N LYS B 405 3.73 -1.32 -22.49
CA LYS B 405 4.69 -1.34 -21.38
C LYS B 405 4.54 -2.64 -20.58
N LEU B 406 5.66 -3.23 -20.19
CA LEU B 406 5.64 -4.47 -19.45
C LEU B 406 5.78 -4.18 -17.96
N SER B 407 4.86 -4.73 -17.18
CA SER B 407 4.98 -4.72 -15.74
C SER B 407 5.20 -6.14 -15.25
N CYS B 408 5.71 -6.25 -14.02
CA CYS B 408 5.92 -7.53 -13.39
C CYS B 408 5.61 -7.44 -11.90
N MET B 409 4.92 -8.43 -11.36
CA MET B 409 4.67 -8.54 -9.92
C MET B 409 5.30 -9.83 -9.40
N MET B 410 5.99 -9.75 -8.26
CA MET B 410 6.64 -10.92 -7.68
C MET B 410 6.28 -11.11 -6.21
N HIS B 411 5.99 -12.37 -5.85
CA HIS B 411 5.72 -12.76 -4.48
C HIS B 411 6.95 -13.35 -3.78
N GLN B 412 7.35 -12.74 -2.67
CA GLN B 412 8.51 -13.18 -1.89
C GLN B 412 8.08 -13.64 -0.51
N ARG B 413 8.15 -14.95 -0.28
CA ARG B 413 7.56 -15.53 0.93
C ARG B 413 8.33 -15.18 2.19
N SER B 414 9.63 -14.99 2.06
CA SER B 414 10.47 -14.68 3.19
C SER B 414 11.43 -13.58 2.82
N CYS B 415 11.43 -12.49 3.57
CA CYS B 415 12.09 -11.27 3.11
C CYS B 415 13.07 -10.69 4.13
N ASP B 416 14.36 -11.01 3.95
CA ASP B 416 15.47 -10.43 4.72
C ASP B 416 15.74 -8.98 4.28
N LEU B 417 15.31 -8.03 5.09
CA LEU B 417 15.39 -6.61 4.72
C LEU B 417 16.81 -6.08 4.88
N GLY B 418 17.61 -6.78 5.66
CA GLY B 418 18.99 -6.39 5.91
C GLY B 418 19.87 -6.69 4.72
N LEU B 419 19.80 -7.94 4.25
CA LEU B 419 20.77 -8.46 3.30
C LEU B 419 20.13 -8.91 1.97
N GLY B 420 18.95 -9.53 2.01
CA GLY B 420 18.38 -10.15 0.82
C GLY B 420 17.59 -9.26 -0.13
N VAL B 421 16.62 -8.51 0.41
CA VAL B 421 15.57 -7.88 -0.41
C VAL B 421 16.12 -6.93 -1.49
N PRO B 422 17.16 -6.14 -1.16
CA PRO B 422 17.74 -5.24 -2.15
C PRO B 422 18.27 -5.94 -3.39
N PHE B 423 18.87 -7.12 -3.23
CA PHE B 423 19.28 -7.89 -4.42
C PHE B 423 18.06 -8.37 -5.23
N ASN B 424 17.03 -8.82 -4.53
CA ASN B 424 15.81 -9.30 -5.20
C ASN B 424 15.12 -8.22 -6.05
N ILE B 425 15.08 -6.98 -5.54
CA ILE B 425 14.49 -5.88 -6.28
C ILE B 425 15.23 -5.67 -7.61
N ALA B 426 16.55 -5.63 -7.55
CA ALA B 426 17.38 -5.46 -8.76
C ALA B 426 17.22 -6.62 -9.72
N SER B 427 17.26 -7.84 -9.19
CA SER B 427 17.19 -9.02 -10.03
C SER B 427 15.93 -8.99 -10.90
N TYR B 428 14.78 -8.89 -10.27
CA TYR B 428 13.52 -8.89 -11.00
C TYR B 428 13.28 -7.60 -11.78
N SER B 429 13.94 -6.51 -11.44
CA SER B 429 13.87 -5.34 -12.30
C SER B 429 14.64 -5.60 -13.62
N ILE B 430 15.80 -6.23 -13.50
CA ILE B 430 16.61 -6.57 -14.66
C ILE B 430 15.89 -7.59 -15.52
N LEU B 431 15.36 -8.65 -14.90
CA LEU B 431 14.59 -9.64 -15.67
C LEU B 431 13.46 -9.00 -16.45
N THR B 432 12.74 -8.07 -15.83
CA THR B 432 11.59 -7.46 -16.47
C THR B 432 12.04 -6.65 -17.68
N ALA B 433 13.16 -5.92 -17.51
CA ALA B 433 13.73 -5.13 -18.59
C ALA B 433 14.23 -6.01 -19.71
N MET B 434 14.76 -7.18 -19.34
CA MET B 434 15.19 -8.16 -20.33
C MET B 434 14.03 -8.70 -21.12
N VAL B 435 12.96 -9.09 -20.43
CA VAL B 435 11.76 -9.61 -21.10
C VAL B 435 11.09 -8.54 -21.98
N ALA B 436 11.08 -7.28 -21.51
CA ALA B 436 10.53 -6.18 -22.31
C ALA B 436 11.30 -5.93 -23.64
N GLN B 437 12.62 -6.06 -23.61
CA GLN B 437 13.41 -5.81 -24.82
C GLN B 437 13.11 -6.87 -25.87
N VAL B 438 13.18 -8.14 -25.48
CA VAL B 438 13.00 -9.23 -26.43
C VAL B 438 11.59 -9.29 -27.01
N CYS B 439 10.63 -8.71 -26.30
CA CYS B 439 9.23 -8.67 -26.72
C CYS B 439 8.87 -7.37 -27.42
N GLY B 440 9.83 -6.44 -27.48
CA GLY B 440 9.64 -5.17 -28.17
C GLY B 440 8.73 -4.22 -27.41
N LEU B 441 8.74 -4.33 -26.08
CA LEU B 441 7.84 -3.53 -25.26
C LEU B 441 8.61 -2.48 -24.46
N GLY B 442 7.91 -1.41 -24.10
CA GLY B 442 8.43 -0.49 -23.13
C GLY B 442 8.33 -1.06 -21.73
N LEU B 443 8.75 -0.25 -20.76
CA LEU B 443 8.80 -0.61 -19.35
C LEU B 443 7.71 0.06 -18.53
N GLY B 444 7.04 -0.74 -17.70
CA GLY B 444 6.14 -0.23 -16.69
C GLY B 444 6.80 -0.37 -15.32
N GLU B 445 6.18 -1.16 -14.47
CA GLU B 445 6.52 -1.20 -13.06
C GLU B 445 6.94 -2.58 -12.58
N PHE B 446 7.87 -2.61 -11.63
CA PHE B 446 8.06 -3.79 -10.80
C PHE B 446 7.31 -3.56 -9.50
N VAL B 447 6.41 -4.49 -9.17
CA VAL B 447 5.65 -4.48 -7.93
C VAL B 447 6.10 -5.71 -7.13
N HIS B 448 6.54 -5.48 -5.91
CA HIS B 448 7.19 -6.49 -5.09
C HIS B 448 6.36 -6.71 -3.82
N ASN B 449 5.82 -7.91 -3.67
CA ASN B 449 5.02 -8.27 -2.52
C ASN B 449 5.89 -8.98 -1.52
N LEU B 450 5.94 -8.46 -0.30
CA LEU B 450 6.72 -9.05 0.78
C LEU B 450 5.78 -9.70 1.78
N ALA B 451 6.05 -10.95 2.13
CA ALA B 451 5.24 -11.64 3.10
C ALA B 451 5.90 -11.47 4.46
N ASP B 452 6.66 -12.46 4.91
CA ASP B 452 7.39 -12.38 6.18
C ASP B 452 8.63 -11.48 6.00
N ALA B 453 8.45 -10.18 6.24
CA ALA B 453 9.53 -9.22 6.19
C ALA B 453 10.18 -9.08 7.56
N HIS B 454 11.50 -9.27 7.61
CA HIS B 454 12.19 -9.34 8.89
C HIS B 454 13.57 -8.70 8.87
N ILE B 455 13.97 -8.23 10.06
CA ILE B 455 15.34 -7.82 10.34
C ILE B 455 15.91 -8.74 11.43
N TYR B 456 17.02 -9.40 11.14
CA TYR B 456 17.70 -10.22 12.14
C TYR B 456 18.27 -9.30 13.23
N VAL B 457 18.21 -9.73 14.49
CA VAL B 457 18.62 -8.89 15.64
C VAL B 457 20.04 -8.35 15.49
N ASP B 458 20.92 -9.12 14.87
CA ASP B 458 22.30 -8.69 14.62
C ASP B 458 22.40 -7.45 13.72
N HIS B 459 21.41 -7.25 12.86
CA HIS B 459 21.45 -6.17 11.87
C HIS B 459 20.74 -4.88 12.29
N VAL B 460 20.30 -4.78 13.54
CA VAL B 460 19.47 -3.64 13.96
C VAL B 460 20.19 -2.31 13.88
N ASP B 461 21.51 -2.38 14.04
CA ASP B 461 22.35 -1.22 14.15
C ASP B 461 22.79 -0.79 12.76
N ALA B 462 23.08 -1.76 11.90
CA ALA B 462 23.31 -1.48 10.49
C ALA B 462 22.09 -0.76 9.91
N VAL B 463 20.89 -1.30 10.17
CA VAL B 463 19.65 -0.77 9.60
C VAL B 463 19.35 0.63 10.12
N THR B 464 19.57 0.84 11.42
CA THR B 464 19.41 2.14 12.07
C THR B 464 20.27 3.23 11.40
N THR B 465 21.50 2.85 11.04
CA THR B 465 22.37 3.74 10.30
C THR B 465 21.76 4.01 8.92
N GLN B 466 21.33 2.95 8.24
CA GLN B 466 20.84 3.03 6.86
C GLN B 466 19.67 4.00 6.68
N ILE B 467 18.66 3.89 7.54
CA ILE B 467 17.43 4.70 7.42
C ILE B 467 17.67 6.16 7.72
N ALA B 468 18.83 6.46 8.31
CA ALA B 468 19.23 7.83 8.62
C ALA B 468 19.87 8.52 7.42
N ARG B 469 20.26 7.76 6.39
CA ARG B 469 20.94 8.33 5.22
C ARG B 469 19.95 8.89 4.18
N ILE B 470 20.31 10.02 3.58
CA ILE B 470 19.50 10.66 2.53
C ILE B 470 19.83 10.00 1.20
N PRO B 471 18.83 9.43 0.52
CA PRO B 471 19.13 8.67 -0.70
C PRO B 471 19.56 9.52 -1.90
N HIS B 472 20.34 8.91 -2.77
CA HIS B 472 20.82 9.58 -3.96
C HIS B 472 19.80 9.27 -5.03
N PRO B 473 19.87 9.99 -6.16
CA PRO B 473 19.05 9.55 -7.28
C PRO B 473 19.41 8.11 -7.62
N PHE B 474 18.41 7.28 -7.88
CA PHE B 474 18.65 5.93 -8.43
C PHE B 474 19.49 5.98 -9.72
N PRO B 475 20.10 4.84 -10.09
CA PRO B 475 20.78 4.71 -11.37
C PRO B 475 19.84 4.42 -12.52
N ARG B 476 20.41 4.14 -13.70
CA ARG B 476 19.68 3.76 -14.89
C ARG B 476 20.19 2.41 -15.28
N LEU B 477 19.40 1.67 -16.07
CA LEU B 477 19.81 0.38 -16.62
C LEU B 477 19.91 0.49 -18.16
N ARG B 478 21.03 0.02 -18.70
CA ARG B 478 21.23 0.04 -20.14
C ARG B 478 21.53 -1.38 -20.57
N LEU B 479 20.62 -1.95 -21.35
CA LEU B 479 20.83 -3.26 -21.93
C LEU B 479 21.41 -3.11 -23.34
N ASN B 480 22.32 -4.01 -23.71
CA ASN B 480 22.77 -4.16 -25.09
C ASN B 480 21.53 -4.30 -25.98
N PRO B 481 21.29 -3.32 -26.86
CA PRO B 481 20.04 -3.35 -27.65
C PRO B 481 20.04 -4.36 -28.80
N ASP B 482 21.17 -5.01 -29.08
CA ASP B 482 21.20 -6.01 -30.14
C ASP B 482 20.64 -7.36 -29.70
N ILE B 483 20.53 -7.57 -28.39
CA ILE B 483 20.08 -8.87 -27.90
C ILE B 483 18.58 -8.98 -28.10
N ARG B 484 18.17 -10.05 -28.81
CA ARG B 484 16.76 -10.25 -29.16
C ARG B 484 16.17 -11.58 -28.64
N ASN B 485 17.01 -12.42 -28.01
CA ASN B 485 16.56 -13.63 -27.33
C ASN B 485 17.05 -13.59 -25.89
N ILE B 486 16.17 -13.97 -24.95
CA ILE B 486 16.49 -13.94 -23.52
C ILE B 486 17.72 -14.78 -23.18
N GLU B 487 17.94 -15.87 -23.91
CA GLU B 487 19.08 -16.75 -23.66
C GLU B 487 20.43 -16.16 -24.10
N ASP B 488 20.42 -15.14 -24.96
CA ASP B 488 21.66 -14.52 -25.46
C ASP B 488 22.28 -13.44 -24.56
N PHE B 489 21.57 -12.99 -23.52
CA PHE B 489 22.14 -11.98 -22.61
C PHE B 489 23.34 -12.58 -21.88
N THR B 490 24.41 -11.79 -21.75
CA THR B 490 25.56 -12.13 -20.93
C THR B 490 25.84 -10.97 -19.99
N ILE B 491 26.79 -11.13 -19.07
CA ILE B 491 27.02 -10.12 -18.05
C ILE B 491 27.45 -8.76 -18.60
N ASP B 492 28.16 -8.76 -19.72
CA ASP B 492 28.56 -7.51 -20.38
C ASP B 492 27.40 -6.77 -21.04
N ASP B 493 26.30 -7.48 -21.25
CA ASP B 493 25.14 -6.90 -21.91
C ASP B 493 24.22 -6.16 -20.95
N ILE B 494 24.56 -6.15 -19.66
CA ILE B 494 23.68 -5.63 -18.60
C ILE B 494 24.45 -4.65 -17.72
N VAL B 495 24.21 -3.36 -17.92
CA VAL B 495 25.03 -2.33 -17.30
C VAL B 495 24.16 -1.37 -16.53
N VAL B 496 24.55 -1.09 -15.30
CA VAL B 496 23.91 -0.08 -14.52
C VAL B 496 24.81 1.16 -14.54
N GLU B 497 24.24 2.28 -14.97
CA GLU B 497 25.00 3.49 -15.17
C GLU B 497 24.62 4.46 -14.10
N ASP B 498 25.56 5.32 -13.73
CA ASP B 498 25.29 6.45 -12.84
C ASP B 498 24.90 6.02 -11.43
N TYR B 499 25.56 5.00 -10.91
CA TYR B 499 25.25 4.51 -9.56
C TYR B 499 26.07 5.29 -8.56
N VAL B 500 25.40 6.18 -7.84
CA VAL B 500 25.99 6.85 -6.70
C VAL B 500 25.37 6.25 -5.45
N SER B 501 26.18 5.88 -4.47
CA SER B 501 25.67 5.33 -3.22
C SER B 501 26.50 5.73 -2.03
N HIS B 502 25.83 5.82 -0.89
CA HIS B 502 26.46 5.79 0.41
C HIS B 502 27.33 4.53 0.57
N PRO B 503 28.27 4.54 1.53
CA PRO B 503 29.14 3.39 1.77
C PRO B 503 28.43 2.09 2.19
N PRO B 504 29.06 0.93 1.93
CA PRO B 504 28.55 -0.34 2.42
C PRO B 504 28.37 -0.36 3.93
N ILE B 505 27.31 -1.01 4.40
CA ILE B 505 27.12 -1.26 5.82
C ILE B 505 27.22 -2.78 6.05
#